data_4GIU
#
_entry.id   4GIU
#
_cell.length_a   111.442
_cell.length_b   80.752
_cell.length_c   78.723
_cell.angle_alpha   90.00
_cell.angle_beta   90.00
_cell.angle_gamma   90.00
#
_symmetry.space_group_name_H-M   'P 21 21 2'
#
loop_
_entity.id
_entity.type
_entity.pdbx_description
1 polymer 'Anthranilate phosphoribosyltransferase'
2 non-polymer 1-O-pyrophosphono-5-O-phosphono-alpha-D-ribofuranose
3 non-polymer 'MAGNESIUM ION'
4 non-polymer '2-[(2-carboxy-5-methylphenyl)amino]-3-methylbenzoic acid'
5 non-polymer GLYCEROL
6 non-polymer 'DIMETHYL SULFOXIDE'
7 water water
#
_entity_poly.entity_id   1
_entity_poly.type   'polypeptide(L)'
_entity_poly.pdbx_seq_one_letter_code
;MALSAEGSSGGSRGGSPKAEAASVPSWPQILGRLTDNRDLARGQAAWAMDQIMTGNARPAQIAAFAVAMTMKAPTADEVG
ELAGVMLSHAHPLPADTVPDDAVDVVGTGGDGVNTVNLSTMAAIVVAAAGVPVVKHGNRAASSLSGGADTLEALGVRIDL
GPDLVARSLAEVGIGFCFAPRFHPSYRHAAAVRREIGVPTVFNLLGPLTNPARPRAGLIGCAFADLAEVMAGVFAARRSS
VLVVHGDDGLDELTTTTTSTIWRVAAGSVDKLTFDPAGFGFARAQLDQLAGGDAQANAAAVRAVLGGARGPVRDAVVLNA
AGAIVAHAGLSSRAEWLPAWEEGLRRASAAIDTGAAEQLLARWVRFGRQILEHHHHHH
;
_entity_poly.pdbx_strand_id   A,B
#
# COMPACT_ATOMS: atom_id res chain seq x y z
N VAL A 24 22.11 3.32 -4.07
CA VAL A 24 21.40 3.13 -5.33
C VAL A 24 19.94 2.77 -5.06
N PRO A 25 19.01 3.61 -5.54
CA PRO A 25 17.60 3.37 -5.25
C PRO A 25 17.09 2.07 -5.87
N SER A 26 16.13 1.46 -5.20
CA SER A 26 15.45 0.28 -5.73
C SER A 26 14.05 0.29 -5.16
N TRP A 27 13.14 -0.44 -5.80
CA TRP A 27 11.79 -0.54 -5.24
C TRP A 27 11.78 -1.13 -3.82
N PRO A 28 12.56 -2.21 -3.56
CA PRO A 28 12.52 -2.71 -2.19
C PRO A 28 13.02 -1.71 -1.15
N GLN A 29 14.03 -0.92 -1.51
CA GLN A 29 14.55 0.08 -0.56
C GLN A 29 13.50 1.14 -0.23
N ILE A 30 12.86 1.64 -1.28
CA ILE A 30 11.88 2.70 -1.12
C ILE A 30 10.57 2.20 -0.49
N LEU A 31 10.08 1.05 -0.96
CA LEU A 31 8.84 0.50 -0.43
C LEU A 31 9.05 0.07 1.02
N GLY A 32 10.25 -0.43 1.31
CA GLY A 32 10.57 -0.85 2.66
C GLY A 32 10.60 0.33 3.61
N ARG A 33 11.16 1.44 3.14
CA ARG A 33 11.23 2.64 3.96
C ARG A 33 9.83 3.19 4.26
N LEU A 34 8.98 3.22 3.25
CA LEU A 34 7.62 3.70 3.44
C LEU A 34 6.80 2.79 4.35
N THR A 35 6.89 1.47 4.16
CA THR A 35 6.07 0.56 4.95
C THR A 35 6.57 0.55 6.40
N ASP A 36 7.78 1.07 6.61
N ASP A 36 7.78 1.07 6.61
CA ASP A 36 8.30 1.29 7.95
CA ASP A 36 8.33 1.27 7.94
C ASP A 36 7.85 2.63 8.54
C ASP A 36 7.91 2.62 8.53
N ASN A 37 6.92 3.30 7.86
N ASN A 37 6.97 3.29 7.86
CA ASN A 37 6.42 4.61 8.29
CA ASN A 37 6.44 4.58 8.32
C ASN A 37 7.50 5.68 8.41
C ASN A 37 7.50 5.67 8.41
N ARG A 38 8.46 5.65 7.48
CA ARG A 38 9.53 6.64 7.46
C ARG A 38 9.37 7.56 6.25
N ASP A 39 9.67 8.84 6.45
CA ASP A 39 9.79 9.77 5.32
C ASP A 39 10.92 9.31 4.44
N LEU A 40 10.79 9.52 3.13
CA LEU A 40 11.84 9.13 2.19
C LEU A 40 13.04 10.05 2.30
N ALA A 41 14.20 9.56 1.85
CA ALA A 41 15.37 10.42 1.67
C ALA A 41 15.12 11.31 0.47
N ARG A 42 15.79 12.46 0.42
N ARG A 42 15.72 12.49 0.43
CA ARG A 42 15.68 13.37 -0.72
CA ARG A 42 15.45 13.32 -0.74
C ARG A 42 16.02 12.62 -2.02
C ARG A 42 15.97 12.64 -1.99
N GLY A 43 15.22 12.83 -3.07
CA GLY A 43 15.48 12.19 -4.35
C GLY A 43 14.76 10.87 -4.57
N GLN A 44 14.37 10.20 -3.48
CA GLN A 44 13.77 8.86 -3.60
C GLN A 44 12.39 8.88 -4.24
N ALA A 45 11.53 9.79 -3.79
CA ALA A 45 10.23 9.95 -4.42
C ALA A 45 10.41 10.29 -5.91
N ALA A 46 11.35 11.16 -6.22
CA ALA A 46 11.62 11.53 -7.61
C ALA A 46 12.09 10.31 -8.42
N TRP A 47 12.95 9.50 -7.82
CA TRP A 47 13.42 8.30 -8.51
C TRP A 47 12.24 7.40 -8.84
N ALA A 48 11.40 7.18 -7.83
CA ALA A 48 10.21 6.35 -8.01
C ALA A 48 9.30 6.88 -9.13
N MET A 49 9.00 8.18 -9.09
CA MET A 49 8.13 8.77 -10.09
C MET A 49 8.75 8.69 -11.49
N ASP A 50 10.06 8.85 -11.58
CA ASP A 50 10.70 8.76 -12.88
C ASP A 50 10.65 7.33 -13.45
N GLN A 51 10.78 6.34 -12.57
CA GLN A 51 10.64 4.95 -13.00
C GLN A 51 9.25 4.72 -13.55
N ILE A 52 8.26 5.28 -12.88
CA ILE A 52 6.87 5.16 -13.34
C ILE A 52 6.67 5.82 -14.71
N MET A 53 7.19 7.04 -14.85
CA MET A 53 6.93 7.83 -16.07
C MET A 53 7.66 7.30 -17.31
N THR A 54 8.71 6.51 -17.11
CA THR A 54 9.48 5.99 -18.24
C THR A 54 9.01 4.61 -18.65
N GLY A 55 7.94 4.14 -18.00
CA GLY A 55 7.38 2.83 -18.32
C GLY A 55 8.15 1.67 -17.72
N ASN A 56 9.03 1.97 -16.76
CA ASN A 56 9.89 0.97 -16.16
C ASN A 56 9.39 0.28 -14.89
N ALA A 57 8.24 0.72 -14.38
CA ALA A 57 7.71 0.16 -13.14
C ALA A 57 6.63 -0.85 -13.43
N ARG A 58 6.62 -1.94 -12.66
CA ARG A 58 5.56 -2.93 -12.74
C ARG A 58 4.32 -2.34 -12.11
N PRO A 59 3.14 -2.71 -12.62
CA PRO A 59 1.88 -2.25 -12.03
C PRO A 59 1.85 -2.44 -10.52
N ALA A 60 2.37 -3.57 -10.04
CA ALA A 60 2.44 -3.85 -8.60
C ALA A 60 3.28 -2.83 -7.85
N GLN A 61 4.38 -2.39 -8.45
CA GLN A 61 5.26 -1.42 -7.81
C GLN A 61 4.61 -0.04 -7.78
N ILE A 62 3.92 0.30 -8.87
CA ILE A 62 3.20 1.57 -8.92
C ILE A 62 2.15 1.61 -7.82
N ALA A 63 1.39 0.53 -7.69
CA ALA A 63 0.29 0.46 -6.72
C ALA A 63 0.83 0.46 -5.30
N ALA A 64 1.90 -0.29 -5.06
CA ALA A 64 2.49 -0.37 -3.74
C ALA A 64 3.02 0.98 -3.30
N PHE A 65 3.63 1.70 -4.23
CA PHE A 65 4.20 3.00 -3.94
C PHE A 65 3.09 4.00 -3.64
N ALA A 66 2.06 3.99 -4.47
CA ALA A 66 0.93 4.90 -4.29
C ALA A 66 0.31 4.69 -2.91
N VAL A 67 0.05 3.43 -2.54
CA VAL A 67 -0.63 3.13 -1.28
C VAL A 67 0.27 3.41 -0.08
N ALA A 68 1.52 2.97 -0.15
CA ALA A 68 2.45 3.15 0.96
C ALA A 68 2.69 4.62 1.27
N MET A 69 2.90 5.41 0.23
CA MET A 69 3.08 6.84 0.38
C MET A 69 1.83 7.48 1.04
N THR A 70 0.66 7.06 0.59
CA THR A 70 -0.59 7.58 1.15
C THR A 70 -0.71 7.30 2.65
N MET A 71 -0.41 6.07 3.06
CA MET A 71 -0.62 5.70 4.45
C MET A 71 0.49 6.19 5.38
N LYS A 72 1.68 6.35 4.83
CA LYS A 72 2.78 6.94 5.60
C LYS A 72 2.44 8.39 5.99
N ALA A 73 1.68 9.06 5.13
CA ALA A 73 1.42 10.51 5.15
C ALA A 73 2.53 11.24 4.41
N PRO A 74 2.24 11.63 3.15
CA PRO A 74 3.27 12.26 2.31
C PRO A 74 3.64 13.64 2.82
N THR A 75 4.89 14.05 2.62
CA THR A 75 5.32 15.38 3.01
C THR A 75 5.30 16.28 1.78
N ALA A 76 5.34 17.59 2.01
CA ALA A 76 5.40 18.53 0.91
C ALA A 76 6.64 18.32 0.04
N ASP A 77 7.78 18.01 0.65
CA ASP A 77 9.00 17.69 -0.11
C ASP A 77 8.73 16.53 -1.07
N GLU A 78 8.10 15.47 -0.56
CA GLU A 78 7.80 14.28 -1.36
C GLU A 78 6.85 14.54 -2.51
N VAL A 79 5.74 15.21 -2.21
CA VAL A 79 4.76 15.49 -3.24
C VAL A 79 5.38 16.41 -4.29
N GLY A 80 6.21 17.35 -3.83
CA GLY A 80 6.91 18.24 -4.74
C GLY A 80 7.85 17.49 -5.69
N GLU A 81 8.48 16.43 -5.18
CA GLU A 81 9.34 15.60 -6.04
C GLU A 81 8.52 14.90 -7.11
N LEU A 82 7.36 14.37 -6.72
CA LEU A 82 6.52 13.66 -7.68
C LEU A 82 6.07 14.63 -8.77
N ALA A 83 5.60 15.81 -8.36
CA ALA A 83 5.07 16.76 -9.34
C ALA A 83 6.21 17.28 -10.21
N GLY A 84 7.39 17.46 -9.60
CA GLY A 84 8.57 17.90 -10.33
C GLY A 84 8.95 16.95 -11.46
N VAL A 85 8.90 15.65 -11.20
CA VAL A 85 9.20 14.66 -12.22
C VAL A 85 8.17 14.71 -13.35
N MET A 86 6.89 14.80 -13.01
CA MET A 86 5.87 14.91 -14.04
C MET A 86 6.12 16.11 -14.95
N LEU A 87 6.44 17.24 -14.35
CA LEU A 87 6.69 18.45 -15.13
C LEU A 87 7.94 18.30 -16.01
N SER A 88 8.90 17.49 -15.57
CA SER A 88 10.10 17.26 -16.39
C SER A 88 9.73 16.51 -17.65
N HIS A 89 8.74 15.63 -17.55
CA HIS A 89 8.35 14.76 -18.65
C HIS A 89 7.22 15.35 -19.49
N ALA A 90 6.63 16.45 -19.03
CA ALA A 90 5.48 17.05 -19.72
C ALA A 90 5.91 17.82 -20.97
N HIS A 91 5.01 17.93 -21.93
CA HIS A 91 5.22 18.86 -23.04
C HIS A 91 5.14 20.27 -22.49
N PRO A 92 6.18 21.09 -22.71
CA PRO A 92 6.12 22.48 -22.21
C PRO A 92 5.48 23.41 -23.22
N LEU A 93 5.04 24.59 -22.78
CA LEU A 93 4.61 25.60 -23.73
C LEU A 93 5.86 26.25 -24.33
N PRO A 94 5.74 26.84 -25.54
CA PRO A 94 6.93 27.46 -26.15
C PRO A 94 7.49 28.59 -25.28
N ALA A 95 8.77 28.90 -25.45
CA ALA A 95 9.41 29.97 -24.68
C ALA A 95 8.68 31.32 -24.80
N ASP A 96 8.63 32.06 -23.70
CA ASP A 96 8.03 33.40 -23.67
C ASP A 96 6.60 33.46 -24.24
N THR A 97 5.77 32.47 -23.92
CA THR A 97 4.38 32.49 -24.35
C THR A 97 3.37 32.53 -23.19
N VAL A 98 3.85 32.30 -21.98
CA VAL A 98 3.01 32.39 -20.80
C VAL A 98 3.35 33.65 -20.01
N PRO A 99 2.36 34.54 -19.82
CA PRO A 99 2.58 35.77 -19.05
C PRO A 99 3.02 35.44 -17.64
N ASP A 100 3.88 36.27 -17.06
CA ASP A 100 4.41 36.04 -15.72
C ASP A 100 3.31 35.96 -14.66
N ASP A 101 2.14 36.53 -14.97
CA ASP A 101 1.05 36.60 -14.01
C ASP A 101 -0.15 35.72 -14.40
N ALA A 102 0.08 34.71 -15.22
CA ALA A 102 -1.00 33.79 -15.58
C ALA A 102 -1.48 33.01 -14.36
N VAL A 103 -2.77 32.67 -14.36
CA VAL A 103 -3.35 31.95 -13.23
C VAL A 103 -4.01 30.66 -13.69
N ASP A 104 -4.06 29.69 -12.78
CA ASP A 104 -4.81 28.44 -12.97
C ASP A 104 -6.03 28.45 -12.05
N VAL A 105 -7.08 27.77 -12.48
CA VAL A 105 -8.23 27.53 -11.62
C VAL A 105 -8.59 26.06 -11.82
N VAL A 106 -8.26 25.22 -10.83
CA VAL A 106 -8.43 23.76 -11.00
C VAL A 106 -8.39 23.09 -9.63
N GLY A 107 -9.06 21.96 -9.50
CA GLY A 107 -9.05 21.21 -8.25
C GLY A 107 -8.67 19.75 -8.49
N THR A 108 -8.47 19.03 -7.40
CA THR A 108 -8.17 17.61 -7.43
C THR A 108 -9.35 16.79 -7.95
N GLY A 109 -10.55 17.33 -7.84
CA GLY A 109 -11.74 16.52 -8.02
C GLY A 109 -11.81 15.54 -6.87
N GLY A 110 -12.69 14.55 -6.99
CA GLY A 110 -12.84 13.53 -5.97
C GLY A 110 -13.63 13.95 -4.73
N ASP A 111 -14.43 15.00 -4.82
CA ASP A 111 -15.21 15.42 -3.65
C ASP A 111 -16.51 14.63 -3.52
N GLY A 112 -16.82 13.83 -4.54
CA GLY A 112 -17.99 12.95 -4.52
C GLY A 112 -19.35 13.64 -4.45
N VAL A 113 -19.41 14.92 -4.77
CA VAL A 113 -20.65 15.69 -4.66
C VAL A 113 -21.32 15.90 -6.02
N ASN A 114 -20.54 15.83 -7.09
CA ASN A 114 -21.09 16.02 -8.43
C ASN A 114 -21.80 17.38 -8.61
N THR A 115 -21.01 18.44 -8.61
CA THR A 115 -21.53 19.79 -8.78
C THR A 115 -21.46 20.25 -10.24
N VAL A 116 -22.05 21.40 -10.53
CA VAL A 116 -21.76 22.12 -11.78
C VAL A 116 -20.25 22.42 -11.82
N ASN A 117 -19.74 22.83 -12.97
CA ASN A 117 -18.29 22.95 -13.11
C ASN A 117 -17.79 24.32 -12.67
N LEU A 118 -17.64 24.47 -11.37
CA LEU A 118 -17.34 25.78 -10.81
C LEU A 118 -15.97 26.34 -11.21
N SER A 119 -14.94 25.50 -11.24
CA SER A 119 -13.60 25.99 -11.62
C SER A 119 -13.59 26.48 -13.06
N THR A 120 -14.20 25.68 -13.94
CA THR A 120 -14.24 26.02 -15.36
C THR A 120 -15.01 27.31 -15.61
N MET A 121 -16.18 27.45 -14.98
CA MET A 121 -16.97 28.67 -15.09
C MET A 121 -16.19 29.86 -14.54
N ALA A 122 -15.60 29.70 -13.37
CA ALA A 122 -14.77 30.75 -12.79
C ALA A 122 -13.63 31.16 -13.75
N ALA A 123 -12.96 30.18 -14.36
CA ALA A 123 -11.85 30.46 -15.27
C ALA A 123 -12.28 31.37 -16.42
N ILE A 124 -13.45 31.12 -16.99
CA ILE A 124 -13.94 31.91 -18.11
C ILE A 124 -14.17 33.35 -17.63
N VAL A 125 -14.78 33.49 -16.46
CA VAL A 125 -15.06 34.81 -15.89
C VAL A 125 -13.75 35.57 -15.57
N VAL A 126 -12.78 34.86 -14.99
CA VAL A 126 -11.47 35.43 -14.65
C VAL A 126 -10.75 35.95 -15.90
N ALA A 127 -10.72 35.13 -16.95
CA ALA A 127 -10.12 35.54 -18.22
C ALA A 127 -10.82 36.76 -18.79
N ALA A 128 -12.14 36.76 -18.73
CA ALA A 128 -12.94 37.89 -19.24
C ALA A 128 -12.67 39.17 -18.46
N ALA A 129 -12.27 39.02 -17.19
CA ALA A 129 -11.93 40.17 -16.36
C ALA A 129 -10.55 40.74 -16.72
N GLY A 130 -9.81 40.02 -17.57
CA GLY A 130 -8.51 40.49 -18.01
C GLY A 130 -7.32 39.79 -17.39
N VAL A 131 -7.56 38.80 -16.54
CA VAL A 131 -6.46 38.03 -15.96
C VAL A 131 -6.15 36.86 -16.89
N PRO A 132 -4.90 36.75 -17.36
CA PRO A 132 -4.55 35.62 -18.24
C PRO A 132 -4.74 34.29 -17.51
N VAL A 133 -5.46 33.36 -18.13
CA VAL A 133 -5.72 32.06 -17.50
C VAL A 133 -5.13 30.96 -18.37
N VAL A 134 -4.25 30.14 -17.79
CA VAL A 134 -3.87 28.91 -18.46
C VAL A 134 -4.31 27.78 -17.54
N LYS A 135 -5.42 27.14 -17.90
CA LYS A 135 -6.05 26.19 -17.00
C LYS A 135 -5.62 24.76 -17.30
N HIS A 136 -5.26 24.02 -16.25
CA HIS A 136 -5.02 22.59 -16.37
C HIS A 136 -6.37 21.93 -16.17
N GLY A 137 -6.71 20.96 -17.00
CA GLY A 137 -8.02 20.34 -16.85
C GLY A 137 -8.06 18.91 -17.33
N ASN A 138 -9.17 18.23 -17.05
CA ASN A 138 -9.28 16.82 -17.38
C ASN A 138 -10.74 16.44 -17.39
N ARG A 139 -11.05 15.27 -17.94
CA ARG A 139 -12.41 14.76 -17.85
C ARG A 139 -12.70 14.30 -16.43
N ALA A 140 -13.96 14.00 -16.17
CA ALA A 140 -14.39 13.45 -14.89
C ALA A 140 -13.69 12.13 -14.59
N ALA A 141 -13.40 11.90 -13.32
CA ALA A 141 -12.91 10.62 -12.87
C ALA A 141 -14.00 9.88 -12.11
N SER A 142 -14.88 10.62 -11.44
CA SER A 142 -16.01 10.00 -10.75
C SER A 142 -17.30 10.82 -10.81
N SER A 143 -17.19 12.12 -11.10
CA SER A 143 -18.39 12.93 -11.28
CA SER A 143 -18.36 12.96 -11.30
C SER A 143 -19.02 12.65 -12.65
N LEU A 144 -20.19 13.21 -12.89
CA LEU A 144 -20.89 12.98 -14.15
C LEU A 144 -20.24 13.71 -15.33
N SER A 145 -19.78 14.93 -15.10
CA SER A 145 -19.14 15.70 -16.17
C SER A 145 -18.05 16.58 -15.58
N GLY A 146 -16.81 16.37 -16.00
CA GLY A 146 -15.70 17.16 -15.50
C GLY A 146 -15.54 18.43 -16.30
N GLY A 147 -14.54 19.23 -15.95
CA GLY A 147 -14.32 20.50 -16.62
C GLY A 147 -14.13 20.33 -18.11
N ALA A 148 -13.30 19.36 -18.48
CA ALA A 148 -13.02 19.11 -19.88
C ALA A 148 -14.26 18.61 -20.63
N ASP A 149 -15.05 17.76 -20.00
CA ASP A 149 -16.26 17.26 -20.63
C ASP A 149 -17.24 18.39 -20.95
N THR A 150 -17.38 19.30 -20.00
CA THR A 150 -18.31 20.42 -20.16
C THR A 150 -17.79 21.40 -21.22
N LEU A 151 -16.50 21.68 -21.23
CA LEU A 151 -15.94 22.55 -22.27
C LEU A 151 -16.19 21.93 -23.64
N GLU A 152 -16.00 20.62 -23.73
CA GLU A 152 -16.24 19.89 -24.98
C GLU A 152 -17.69 20.08 -25.43
N ALA A 153 -18.62 19.94 -24.49
CA ALA A 153 -20.04 20.13 -24.79
C ALA A 153 -20.38 21.55 -25.24
N LEU A 154 -19.56 22.51 -24.81
CA LEU A 154 -19.75 23.91 -25.17
C LEU A 154 -19.10 24.23 -26.52
N GLY A 155 -18.41 23.26 -27.10
CA GLY A 155 -17.80 23.48 -28.41
C GLY A 155 -16.37 23.97 -28.37
N VAL A 156 -15.78 23.98 -27.17
CA VAL A 156 -14.39 24.41 -27.04
C VAL A 156 -13.46 23.24 -27.40
N ARG A 157 -12.38 23.52 -28.14
CA ARG A 157 -11.37 22.50 -28.41
C ARG A 157 -10.52 22.30 -27.15
N ILE A 158 -10.61 21.11 -26.54
CA ILE A 158 -9.93 20.90 -25.27
C ILE A 158 -8.54 20.31 -25.42
N ASP A 159 -8.22 19.74 -26.58
CA ASP A 159 -6.98 18.96 -26.70
C ASP A 159 -5.90 19.56 -27.61
N LEU A 160 -5.83 20.88 -27.65
CA LEU A 160 -4.78 21.53 -28.45
C LEU A 160 -3.38 21.27 -27.87
N GLY A 161 -2.38 21.22 -28.75
CA GLY A 161 -0.99 21.10 -28.32
C GLY A 161 -0.43 22.41 -27.82
N PRO A 162 0.85 22.40 -27.39
CA PRO A 162 1.55 23.54 -26.78
C PRO A 162 1.46 24.84 -27.59
N ASP A 163 1.73 24.75 -28.90
CA ASP A 163 1.74 25.95 -29.73
C ASP A 163 0.38 26.60 -29.80
N LEU A 164 -0.66 25.78 -29.93
CA LEU A 164 -2.01 26.31 -30.07
C LEU A 164 -2.60 26.78 -28.75
N VAL A 165 -2.21 26.15 -27.63
CA VAL A 165 -2.60 26.65 -26.31
C VAL A 165 -1.99 28.04 -26.07
N ALA A 166 -0.71 28.18 -26.41
CA ALA A 166 -0.04 29.48 -26.31
C ALA A 166 -0.78 30.52 -27.14
N ARG A 167 -1.20 30.12 -28.34
CA ARG A 167 -1.90 31.02 -29.24
C ARG A 167 -3.27 31.40 -28.67
N SER A 168 -4.00 30.41 -28.15
CA SER A 168 -5.30 30.65 -27.53
C SER A 168 -5.16 31.67 -26.40
N LEU A 169 -4.13 31.49 -25.60
CA LEU A 169 -3.89 32.38 -24.48
C LEU A 169 -3.64 33.82 -24.96
N ALA A 170 -2.85 33.97 -26.01
CA ALA A 170 -2.55 35.30 -26.53
C ALA A 170 -3.78 35.92 -27.19
N GLU A 171 -4.53 35.13 -27.95
CA GLU A 171 -5.60 35.67 -28.78
C GLU A 171 -6.96 35.75 -28.09
N VAL A 172 -7.24 34.81 -27.19
CA VAL A 172 -8.54 34.75 -26.52
C VAL A 172 -8.42 35.23 -25.06
N GLY A 173 -7.26 35.01 -24.47
CA GLY A 173 -7.05 35.39 -23.07
C GLY A 173 -7.09 34.19 -22.14
N ILE A 174 -7.38 33.03 -22.70
CA ILE A 174 -7.43 31.80 -21.92
C ILE A 174 -6.92 30.65 -22.78
N GLY A 175 -6.18 29.73 -22.16
CA GLY A 175 -5.76 28.50 -22.81
C GLY A 175 -6.11 27.35 -21.88
N PHE A 176 -6.41 26.19 -22.46
CA PHE A 176 -6.76 25.00 -21.68
C PHE A 176 -5.77 23.89 -21.98
N CYS A 177 -5.03 23.45 -20.97
CA CYS A 177 -4.08 22.35 -21.14
C CYS A 177 -4.73 21.06 -20.68
N PHE A 178 -5.06 20.19 -21.63
CA PHE A 178 -5.73 18.94 -21.33
C PHE A 178 -4.69 17.98 -20.77
N ALA A 179 -4.92 17.50 -19.55
CA ALA A 179 -3.87 16.77 -18.84
C ALA A 179 -3.28 15.59 -19.63
N PRO A 180 -4.14 14.73 -20.21
CA PRO A 180 -3.57 13.58 -20.94
C PRO A 180 -2.78 13.99 -22.18
N ARG A 181 -3.09 15.17 -22.73
CA ARG A 181 -2.40 15.68 -23.89
C ARG A 181 -1.00 16.14 -23.52
N PHE A 182 -0.86 16.70 -22.32
CA PHE A 182 0.44 17.25 -21.92
C PHE A 182 1.26 16.28 -21.08
N HIS A 183 0.62 15.26 -20.53
CA HIS A 183 1.32 14.32 -19.66
C HIS A 183 1.17 12.90 -20.17
N PRO A 184 1.58 12.65 -21.42
CA PRO A 184 1.27 11.32 -21.97
C PRO A 184 1.98 10.17 -21.23
N SER A 185 3.08 10.46 -20.56
CA SER A 185 3.84 9.40 -19.86
C SER A 185 3.21 9.00 -18.52
N TYR A 186 2.21 9.75 -18.08
CA TYR A 186 1.52 9.45 -16.83
C TYR A 186 0.53 8.31 -17.04
N ARG A 187 0.36 7.90 -18.29
CA ARG A 187 -0.62 6.88 -18.62
CA ARG A 187 -0.61 6.88 -18.62
C ARG A 187 -0.30 5.54 -17.97
N HIS A 188 0.98 5.27 -17.72
CA HIS A 188 1.36 4.00 -17.13
C HIS A 188 0.75 3.86 -15.73
N ALA A 189 0.53 5.00 -15.07
CA ALA A 189 -0.08 4.99 -13.74
C ALA A 189 -1.60 4.98 -13.81
N ALA A 190 -2.15 5.00 -15.04
CA ALA A 190 -3.60 5.18 -15.21
C ALA A 190 -4.46 3.99 -14.82
N ALA A 191 -4.21 2.84 -15.43
CA ALA A 191 -4.98 1.64 -15.10
C ALA A 191 -4.83 1.33 -13.63
N VAL A 192 -3.59 1.44 -13.12
CA VAL A 192 -3.31 1.15 -11.71
C VAL A 192 -4.22 1.97 -10.80
N ARG A 193 -4.28 3.29 -11.02
CA ARG A 193 -5.08 4.13 -10.16
C ARG A 193 -6.58 3.79 -10.29
N ARG A 194 -7.00 3.41 -11.50
CA ARG A 194 -8.39 2.98 -11.72
C ARG A 194 -8.67 1.65 -11.05
N GLU A 195 -7.71 0.74 -11.15
CA GLU A 195 -7.87 -0.59 -10.55
C GLU A 195 -7.93 -0.55 -9.02
N ILE A 196 -7.14 0.33 -8.41
CA ILE A 196 -7.16 0.54 -6.97
C ILE A 196 -8.49 1.15 -6.57
N GLY A 197 -8.90 2.17 -7.32
CA GLY A 197 -10.24 2.71 -7.18
C GLY A 197 -10.48 3.57 -5.96
N VAL A 198 -9.43 3.84 -5.19
CA VAL A 198 -9.53 4.81 -4.10
C VAL A 198 -8.44 5.86 -4.24
N PRO A 199 -8.67 7.06 -3.67
CA PRO A 199 -7.66 8.11 -3.80
C PRO A 199 -6.37 7.77 -3.09
N THR A 200 -5.27 8.24 -3.67
CA THR A 200 -3.93 8.10 -3.10
C THR A 200 -3.24 9.45 -3.22
N VAL A 201 -1.98 9.51 -2.81
CA VAL A 201 -1.17 10.72 -2.99
C VAL A 201 -1.20 11.22 -4.44
N PHE A 202 -1.39 10.31 -5.40
CA PHE A 202 -1.43 10.71 -6.80
C PHE A 202 -2.60 11.65 -7.11
N ASN A 203 -3.62 11.62 -6.26
CA ASN A 203 -4.79 12.49 -6.45
C ASN A 203 -4.53 13.93 -6.05
N LEU A 204 -3.33 14.21 -5.56
CA LEU A 204 -2.93 15.59 -5.28
C LEU A 204 -2.25 16.24 -6.46
N LEU A 205 -1.91 15.43 -7.47
CA LEU A 205 -0.95 15.90 -8.48
C LEU A 205 -1.52 16.74 -9.62
N GLY A 206 -2.82 16.60 -9.90
CA GLY A 206 -3.41 17.35 -11.00
C GLY A 206 -3.16 18.85 -10.94
N PRO A 207 -3.52 19.48 -9.82
CA PRO A 207 -3.32 20.93 -9.74
C PRO A 207 -1.86 21.35 -9.60
N LEU A 208 -0.98 20.40 -9.29
CA LEU A 208 0.42 20.72 -9.06
C LEU A 208 1.24 20.55 -10.33
N THR A 209 0.62 20.14 -11.42
CA THR A 209 1.40 19.78 -12.62
C THR A 209 0.94 20.48 -13.89
N ASN A 210 0.42 21.70 -13.76
CA ASN A 210 0.08 22.47 -14.93
C ASN A 210 1.36 22.69 -15.74
N PRO A 211 1.38 22.24 -17.00
CA PRO A 211 2.62 22.27 -17.78
C PRO A 211 3.08 23.67 -18.17
N ALA A 212 2.19 24.66 -18.10
CA ALA A 212 2.57 26.04 -18.37
C ALA A 212 3.20 26.70 -17.16
N ARG A 213 3.18 25.99 -16.03
CA ARG A 213 3.75 26.46 -14.76
C ARG A 213 3.35 27.89 -14.34
N PRO A 214 2.04 28.18 -14.34
CA PRO A 214 1.62 29.52 -13.88
C PRO A 214 2.01 29.72 -12.42
N ARG A 215 2.24 30.97 -12.00
CA ARG A 215 2.71 31.24 -10.65
C ARG A 215 1.59 31.55 -9.69
N ALA A 216 0.36 31.61 -10.19
CA ALA A 216 -0.77 31.90 -9.33
C ALA A 216 -1.91 30.94 -9.59
N GLY A 217 -2.79 30.79 -8.62
CA GLY A 217 -3.89 29.88 -8.83
C GLY A 217 -4.90 29.83 -7.70
N LEU A 218 -6.13 29.48 -8.06
CA LEU A 218 -7.12 29.07 -7.07
C LEU A 218 -7.25 27.56 -7.22
N ILE A 219 -6.83 26.85 -6.18
CA ILE A 219 -6.59 25.42 -6.28
C ILE A 219 -7.48 24.67 -5.30
N GLY A 220 -8.35 23.82 -5.84
CA GLY A 220 -9.28 23.08 -4.99
C GLY A 220 -8.67 21.79 -4.53
N CYS A 221 -8.95 21.42 -3.29
CA CYS A 221 -8.48 20.14 -2.77
C CYS A 221 -9.61 19.46 -2.03
N ALA A 222 -9.97 18.26 -2.47
CA ALA A 222 -11.10 17.54 -1.88
C ALA A 222 -10.75 16.90 -0.56
N PHE A 223 -9.47 16.84 -0.25
CA PHE A 223 -8.99 16.09 0.88
C PHE A 223 -8.48 17.05 1.96
N ALA A 224 -9.32 17.27 2.97
CA ALA A 224 -9.04 18.29 3.99
C ALA A 224 -7.67 18.15 4.61
N ASP A 225 -7.26 16.92 4.85
CA ASP A 225 -6.04 16.64 5.60
C ASP A 225 -4.79 16.68 4.74
N LEU A 226 -4.94 16.83 3.43
CA LEU A 226 -3.78 16.94 2.55
C LEU A 226 -3.66 18.33 1.91
N ALA A 227 -4.62 19.20 2.15
CA ALA A 227 -4.57 20.52 1.52
C ALA A 227 -3.34 21.31 1.97
N GLU A 228 -2.98 21.17 3.25
CA GLU A 228 -1.80 21.88 3.73
C GLU A 228 -0.53 21.37 3.03
N VAL A 229 -0.51 20.09 2.69
CA VAL A 229 0.63 19.53 1.99
C VAL A 229 0.71 20.12 0.57
N MET A 230 -0.43 20.18 -0.12
CA MET A 230 -0.45 20.82 -1.45
C MET A 230 0.02 22.27 -1.32
N ALA A 231 -0.44 22.98 -0.30
CA ALA A 231 -0.04 24.37 -0.11
C ALA A 231 1.47 24.47 0.08
N GLY A 232 2.05 23.52 0.80
CA GLY A 232 3.48 23.51 1.03
C GLY A 232 4.27 23.38 -0.25
N VAL A 233 3.74 22.61 -1.20
CA VAL A 233 4.40 22.44 -2.49
C VAL A 233 4.39 23.76 -3.26
N PHE A 234 3.25 24.46 -3.25
CA PHE A 234 3.19 25.74 -3.92
C PHE A 234 4.08 26.77 -3.24
N ALA A 235 4.20 26.68 -1.92
CA ALA A 235 5.07 27.59 -1.18
C ALA A 235 6.53 27.40 -1.58
N ALA A 236 6.94 26.16 -1.79
CA ALA A 236 8.30 25.86 -2.23
C ALA A 236 8.64 26.54 -3.56
N ARG A 237 7.64 26.65 -4.44
CA ARG A 237 7.79 27.27 -5.75
C ARG A 237 7.57 28.77 -5.68
N ARG A 238 7.25 29.28 -4.49
CA ARG A 238 6.92 30.70 -4.30
C ARG A 238 5.77 31.16 -5.20
N SER A 239 4.75 30.33 -5.29
CA SER A 239 3.54 30.70 -6.02
C SER A 239 2.63 31.53 -5.14
N SER A 240 1.72 32.26 -5.78
CA SER A 240 0.66 32.93 -5.02
C SER A 240 -0.59 32.13 -5.27
N VAL A 241 -0.95 31.27 -4.33
CA VAL A 241 -2.13 30.45 -4.49
C VAL A 241 -3.02 30.44 -3.26
N LEU A 242 -4.31 30.26 -3.48
CA LEU A 242 -5.21 29.92 -2.40
C LEU A 242 -5.58 28.46 -2.61
N VAL A 243 -5.19 27.60 -1.67
CA VAL A 243 -5.65 26.21 -1.69
C VAL A 243 -6.93 26.15 -0.88
N VAL A 244 -8.02 25.69 -1.51
CA VAL A 244 -9.33 25.79 -0.88
C VAL A 244 -10.05 24.46 -0.72
N HIS A 245 -10.72 24.32 0.43
CA HIS A 245 -11.55 23.16 0.70
C HIS A 245 -12.84 23.62 1.36
N GLY A 246 -13.97 23.42 0.69
CA GLY A 246 -15.26 23.75 1.27
C GLY A 246 -15.51 22.93 2.50
N ASP A 247 -16.06 23.53 3.56
CA ASP A 247 -16.29 22.75 4.77
C ASP A 247 -17.47 21.79 4.62
N ASP A 248 -18.14 21.86 3.47
CA ASP A 248 -19.14 20.86 3.06
C ASP A 248 -18.50 19.74 2.22
N GLY A 249 -17.19 19.81 2.01
CA GLY A 249 -16.51 18.77 1.26
C GLY A 249 -16.09 19.14 -0.17
N LEU A 250 -16.61 20.25 -0.69
CA LEU A 250 -16.29 20.64 -2.06
C LEU A 250 -14.81 20.97 -2.25
N ASP A 251 -14.29 20.64 -3.43
CA ASP A 251 -12.94 21.12 -3.79
C ASP A 251 -13.05 22.47 -4.48
N GLU A 252 -13.84 23.37 -3.89
CA GLU A 252 -14.05 24.72 -4.40
C GLU A 252 -14.33 25.61 -3.21
N LEU A 253 -14.35 26.92 -3.41
CA LEU A 253 -14.95 27.80 -2.43
C LEU A 253 -16.44 27.56 -2.52
N THR A 254 -17.06 27.18 -1.41
CA THR A 254 -18.48 26.87 -1.41
C THR A 254 -19.35 28.06 -0.98
N THR A 255 -20.64 27.95 -1.27
CA THR A 255 -21.60 28.95 -0.81
C THR A 255 -22.55 28.35 0.22
N THR A 256 -22.37 27.08 0.55
CA THR A 256 -23.32 26.43 1.47
C THR A 256 -22.90 26.60 2.92
N THR A 257 -21.65 27.00 3.14
CA THR A 257 -21.09 27.11 4.47
C THR A 257 -19.71 27.77 4.34
N THR A 258 -18.88 27.68 5.37
CA THR A 258 -17.53 28.26 5.29
C THR A 258 -16.59 27.38 4.46
N SER A 259 -15.47 27.94 4.06
CA SER A 259 -14.39 27.19 3.41
C SER A 259 -13.07 27.40 4.13
N THR A 260 -12.24 26.37 4.14
CA THR A 260 -10.91 26.51 4.68
C THR A 260 -9.97 26.91 3.55
N ILE A 261 -9.17 27.92 3.79
CA ILE A 261 -8.23 28.38 2.79
C ILE A 261 -6.81 28.35 3.34
N TRP A 262 -5.94 27.67 2.60
CA TRP A 262 -4.51 27.73 2.89
CA TRP A 262 -4.52 27.72 2.89
C TRP A 262 -3.92 28.74 1.94
N ARG A 263 -3.57 29.90 2.47
CA ARG A 263 -3.09 31.00 1.65
C ARG A 263 -1.59 30.95 1.51
N VAL A 264 -1.12 30.87 0.26
CA VAL A 264 0.30 30.78 -0.01
C VAL A 264 0.81 32.08 -0.60
N ALA A 265 1.74 32.69 0.12
CA ALA A 265 2.27 34.00 -0.22
C ALA A 265 3.66 34.11 0.36
N ALA A 266 4.59 34.65 -0.44
CA ALA A 266 5.97 34.85 -0.01
C ALA A 266 6.63 33.58 0.55
N GLY A 267 6.37 32.45 -0.09
CA GLY A 267 6.94 31.18 0.32
C GLY A 267 6.40 30.64 1.63
N SER A 268 5.34 31.26 2.13
CA SER A 268 4.76 30.88 3.42
C SER A 268 3.29 30.47 3.30
N VAL A 269 2.83 29.64 4.24
CA VAL A 269 1.44 29.19 4.23
C VAL A 269 0.72 29.70 5.48
N ASP A 270 -0.49 30.22 5.30
CA ASP A 270 -1.33 30.71 6.40
C ASP A 270 -2.70 30.07 6.28
N LYS A 271 -3.18 29.41 7.33
CA LYS A 271 -4.50 28.78 7.30
C LYS A 271 -5.61 29.75 7.71
N LEU A 272 -6.63 29.86 6.87
CA LEU A 272 -7.74 30.78 7.13
C LEU A 272 -9.06 30.05 6.98
N THR A 273 -10.11 30.56 7.62
CA THR A 273 -11.47 30.13 7.32
C THR A 273 -12.15 31.30 6.64
N PHE A 274 -12.94 31.00 5.61
CA PHE A 274 -13.55 32.05 4.79
C PHE A 274 -15.07 31.91 4.83
N ASP A 275 -15.78 33.02 5.01
CA ASP A 275 -17.23 32.99 5.06
C ASP A 275 -17.84 33.97 4.06
N PRO A 276 -18.49 33.43 3.01
CA PRO A 276 -19.00 34.33 1.96
C PRO A 276 -20.08 35.27 2.47
N ALA A 277 -20.71 34.93 3.60
CA ALA A 277 -21.72 35.82 4.17
C ALA A 277 -21.12 37.18 4.52
N GLY A 278 -19.82 37.18 4.78
CA GLY A 278 -19.10 38.42 5.04
C GLY A 278 -19.08 39.37 3.86
N PHE A 279 -19.38 38.85 2.66
CA PHE A 279 -19.45 39.70 1.47
C PHE A 279 -20.88 39.77 0.92
N GLY A 280 -21.85 39.38 1.74
CA GLY A 280 -23.25 39.55 1.39
C GLY A 280 -23.89 38.38 0.64
N PHE A 281 -23.18 37.27 0.53
CA PHE A 281 -23.73 36.09 -0.13
C PHE A 281 -24.72 35.34 0.76
N ALA A 282 -25.86 34.97 0.19
CA ALA A 282 -26.84 34.14 0.89
C ALA A 282 -26.34 32.71 0.96
N ARG A 283 -26.68 32.01 2.03
CA ARG A 283 -26.36 30.60 2.14
C ARG A 283 -27.16 29.79 1.11
N ALA A 284 -26.47 28.91 0.39
CA ALA A 284 -27.13 28.02 -0.55
C ALA A 284 -27.21 26.61 0.03
N GLN A 285 -28.08 25.79 -0.56
CA GLN A 285 -28.11 24.36 -0.24
C GLN A 285 -27.26 23.63 -1.27
N LEU A 286 -26.60 22.55 -0.87
CA LEU A 286 -25.76 21.78 -1.77
C LEU A 286 -26.48 21.31 -3.05
N ASP A 287 -27.77 21.00 -2.95
N ASP A 287 -27.77 21.01 -2.94
CA ASP A 287 -28.50 20.56 -4.13
CA ASP A 287 -28.54 20.58 -4.10
C ASP A 287 -28.71 21.67 -5.17
C ASP A 287 -28.69 21.66 -5.16
N GLN A 288 -28.57 22.92 -4.73
CA GLN A 288 -28.70 24.05 -5.63
C GLN A 288 -27.49 24.16 -6.54
N LEU A 289 -26.40 23.50 -6.14
CA LEU A 289 -25.18 23.49 -6.94
C LEU A 289 -24.99 22.17 -7.71
N ALA A 290 -25.96 21.27 -7.59
CA ALA A 290 -25.85 19.94 -8.19
C ALA A 290 -25.69 19.99 -9.71
N GLY A 291 -24.83 19.12 -10.22
CA GLY A 291 -24.61 19.03 -11.66
C GLY A 291 -25.38 17.90 -12.30
N GLY A 292 -25.22 17.74 -13.61
CA GLY A 292 -25.85 16.68 -14.37
C GLY A 292 -24.83 16.18 -15.38
N ASP A 293 -25.30 15.70 -16.53
CA ASP A 293 -24.38 15.24 -17.56
C ASP A 293 -23.75 16.45 -18.26
N ALA A 294 -22.94 16.22 -19.29
CA ALA A 294 -22.23 17.33 -19.93
C ALA A 294 -23.16 18.35 -20.57
N GLN A 295 -24.27 17.89 -21.16
CA GLN A 295 -25.25 18.82 -21.72
C GLN A 295 -25.87 19.69 -20.64
N ALA A 296 -26.21 19.06 -19.52
CA ALA A 296 -26.82 19.78 -18.41
C ALA A 296 -25.85 20.81 -17.86
N ASN A 297 -24.59 20.39 -17.67
CA ASN A 297 -23.58 21.31 -17.16
C ASN A 297 -23.23 22.44 -18.13
N ALA A 298 -23.25 22.13 -19.43
CA ALA A 298 -23.05 23.18 -20.43
C ALA A 298 -24.17 24.19 -20.38
N ALA A 299 -25.40 23.72 -20.23
CA ALA A 299 -26.53 24.64 -20.13
C ALA A 299 -26.39 25.54 -18.90
N ALA A 300 -25.86 24.99 -17.81
CA ALA A 300 -25.64 25.81 -16.61
C ALA A 300 -24.62 26.90 -16.87
N VAL A 301 -23.56 26.58 -17.62
CA VAL A 301 -22.56 27.58 -17.98
C VAL A 301 -23.22 28.69 -18.78
N ARG A 302 -24.04 28.31 -19.76
CA ARG A 302 -24.69 29.32 -20.60
C ARG A 302 -25.63 30.20 -19.78
N ALA A 303 -26.33 29.59 -18.83
CA ALA A 303 -27.26 30.34 -17.99
C ALA A 303 -26.51 31.39 -17.18
N VAL A 304 -25.43 30.99 -16.51
CA VAL A 304 -24.63 31.92 -15.70
C VAL A 304 -24.03 33.05 -16.56
N LEU A 305 -23.46 32.70 -17.70
CA LEU A 305 -22.84 33.70 -18.56
C LEU A 305 -23.87 34.63 -19.17
N GLY A 306 -25.11 34.15 -19.27
CA GLY A 306 -26.20 34.93 -19.85
C GLY A 306 -26.86 35.83 -18.83
N GLY A 307 -26.37 35.79 -17.59
CA GLY A 307 -26.83 36.69 -16.55
C GLY A 307 -27.86 36.15 -15.58
N ALA A 308 -28.12 34.85 -15.60
CA ALA A 308 -29.10 34.28 -14.65
C ALA A 308 -28.59 34.45 -13.22
N ARG A 309 -29.46 34.95 -12.35
CA ARG A 309 -29.12 35.13 -10.95
C ARG A 309 -29.46 33.88 -10.17
N GLY A 310 -28.82 33.68 -9.03
CA GLY A 310 -29.12 32.52 -8.22
C GLY A 310 -27.87 31.90 -7.65
N PRO A 311 -28.03 30.73 -7.02
CA PRO A 311 -26.93 30.05 -6.33
C PRO A 311 -25.73 29.74 -7.23
N VAL A 312 -25.94 29.28 -8.46
CA VAL A 312 -24.80 28.89 -9.29
C VAL A 312 -23.95 30.11 -9.63
N ARG A 313 -24.59 31.21 -10.02
CA ARG A 313 -23.88 32.45 -10.27
C ARG A 313 -23.06 32.89 -9.07
N ASP A 314 -23.66 32.87 -7.89
CA ASP A 314 -22.96 33.31 -6.68
C ASP A 314 -21.70 32.48 -6.49
N ALA A 315 -21.82 31.16 -6.66
CA ALA A 315 -20.65 30.31 -6.49
C ALA A 315 -19.58 30.59 -7.55
N VAL A 316 -19.99 30.90 -8.77
CA VAL A 316 -19.03 31.21 -9.82
C VAL A 316 -18.31 32.51 -9.53
N VAL A 317 -19.06 33.53 -9.12
CA VAL A 317 -18.50 34.84 -8.83
C VAL A 317 -17.51 34.76 -7.67
N LEU A 318 -17.86 33.97 -6.66
CA LEU A 318 -16.99 33.79 -5.52
C LEU A 318 -15.68 33.13 -5.91
N ASN A 319 -15.74 32.04 -6.68
CA ASN A 319 -14.52 31.37 -7.09
C ASN A 319 -13.70 32.21 -8.05
N ALA A 320 -14.36 32.93 -8.95
CA ALA A 320 -13.64 33.84 -9.83
C ALA A 320 -12.90 34.88 -9.00
N ALA A 321 -13.59 35.48 -8.04
CA ALA A 321 -12.93 36.46 -7.16
C ALA A 321 -11.72 35.84 -6.47
N GLY A 322 -11.84 34.59 -6.02
CA GLY A 322 -10.71 33.92 -5.39
C GLY A 322 -9.49 33.85 -6.27
N ALA A 323 -9.68 33.50 -7.55
CA ALA A 323 -8.57 33.45 -8.48
C ALA A 323 -7.97 34.82 -8.70
N ILE A 324 -8.83 35.82 -8.74
CA ILE A 324 -8.35 37.19 -8.89
C ILE A 324 -7.51 37.63 -7.69
N VAL A 325 -7.91 37.22 -6.49
CA VAL A 325 -7.14 37.49 -5.28
C VAL A 325 -5.77 36.79 -5.33
N ALA A 326 -5.75 35.54 -5.78
CA ALA A 326 -4.46 34.85 -5.97
C ALA A 326 -3.55 35.63 -6.94
N HIS A 327 -4.13 36.07 -8.06
CA HIS A 327 -3.38 36.88 -9.02
C HIS A 327 -2.85 38.17 -8.37
N ALA A 328 -3.69 38.82 -7.58
CA ALA A 328 -3.29 40.07 -6.92
C ALA A 328 -2.11 39.83 -6.00
N GLY A 329 -2.11 38.65 -5.37
CA GLY A 329 -1.05 38.28 -4.44
C GLY A 329 0.33 38.15 -5.06
N LEU A 330 0.42 38.19 -6.39
CA LEU A 330 1.73 38.12 -7.00
C LEU A 330 2.55 39.36 -6.63
N SER A 331 1.83 40.43 -6.28
CA SER A 331 2.46 41.64 -5.72
C SER A 331 2.43 41.65 -4.19
N SER A 332 3.54 42.01 -3.57
CA SER A 332 3.65 42.00 -2.11
C SER A 332 2.79 43.05 -1.40
N ARG A 333 2.32 44.05 -2.16
CA ARG A 333 1.57 45.16 -1.59
C ARG A 333 0.07 44.89 -1.45
N ALA A 334 -0.41 43.83 -2.11
CA ALA A 334 -1.84 43.53 -2.09
C ALA A 334 -2.36 43.19 -0.69
N GLU A 335 -3.58 43.63 -0.39
CA GLU A 335 -4.18 43.39 0.92
C GLU A 335 -5.48 42.59 0.80
N TRP A 336 -5.75 41.75 1.80
CA TRP A 336 -6.80 40.72 1.74
C TRP A 336 -8.22 41.22 1.43
N LEU A 337 -8.74 42.10 2.27
CA LEU A 337 -10.13 42.56 2.09
C LEU A 337 -10.33 43.39 0.82
N PRO A 338 -9.49 44.42 0.59
CA PRO A 338 -9.60 45.13 -0.69
C PRO A 338 -9.45 44.21 -1.90
N ALA A 339 -8.58 43.20 -1.79
CA ALA A 339 -8.38 42.28 -2.90
C ALA A 339 -9.65 41.52 -3.19
N TRP A 340 -10.33 41.06 -2.14
CA TRP A 340 -11.56 40.30 -2.32
C TRP A 340 -12.66 41.19 -2.86
N GLU A 341 -12.79 42.40 -2.31
CA GLU A 341 -13.80 43.32 -2.81
C GLU A 341 -13.57 43.65 -4.27
N GLU A 342 -12.32 43.83 -4.65
CA GLU A 342 -12.00 44.08 -6.04
C GLU A 342 -12.28 42.86 -6.92
N GLY A 343 -11.89 41.67 -6.45
CA GLY A 343 -12.13 40.44 -7.19
C GLY A 343 -13.61 40.23 -7.44
N LEU A 344 -14.42 40.48 -6.43
CA LEU A 344 -15.87 40.31 -6.56
C LEU A 344 -16.44 41.32 -7.55
N ARG A 345 -15.97 42.57 -7.46
CA ARG A 345 -16.42 43.61 -8.37
C ARG A 345 -16.09 43.24 -9.82
N ARG A 346 -14.84 42.84 -10.04
CA ARG A 346 -14.40 42.49 -11.40
C ARG A 346 -15.08 41.27 -11.96
N ALA A 347 -15.30 40.26 -11.11
CA ALA A 347 -15.95 39.03 -11.57
C ALA A 347 -17.38 39.32 -11.95
N SER A 348 -18.08 40.05 -11.08
CA SER A 348 -19.47 40.40 -11.34
C SER A 348 -19.60 41.23 -12.61
N ALA A 349 -18.69 42.18 -12.80
CA ALA A 349 -18.78 43.04 -13.96
C ALA A 349 -18.45 42.27 -15.25
N ALA A 350 -17.49 41.35 -15.18
CA ALA A 350 -17.18 40.53 -16.35
C ALA A 350 -18.44 39.79 -16.85
N ILE A 351 -19.28 39.33 -15.94
CA ILE A 351 -20.49 38.64 -16.35
C ILE A 351 -21.51 39.67 -16.84
N ASP A 352 -21.78 40.67 -16.03
CA ASP A 352 -22.84 41.65 -16.32
C ASP A 352 -22.68 42.41 -17.62
N THR A 353 -21.44 42.68 -18.02
CA THR A 353 -21.20 43.44 -19.24
C THR A 353 -21.30 42.56 -20.45
N GLY A 354 -21.41 41.26 -20.21
CA GLY A 354 -21.41 40.30 -21.29
C GLY A 354 -20.02 39.90 -21.73
N ALA A 355 -18.99 40.42 -21.06
CA ALA A 355 -17.62 40.07 -21.44
C ALA A 355 -17.35 38.57 -21.32
N ALA A 356 -17.88 37.93 -20.28
CA ALA A 356 -17.64 36.48 -20.09
C ALA A 356 -18.33 35.66 -21.17
N GLU A 357 -19.58 36.01 -21.46
CA GLU A 357 -20.32 35.34 -22.52
C GLU A 357 -19.60 35.52 -23.86
N GLN A 358 -19.16 36.75 -24.15
CA GLN A 358 -18.46 36.97 -25.39
C GLN A 358 -17.13 36.25 -25.47
N LEU A 359 -16.41 36.18 -24.35
CA LEU A 359 -15.13 35.45 -24.33
C LEU A 359 -15.33 33.98 -24.68
N LEU A 360 -16.39 33.38 -24.13
CA LEU A 360 -16.64 31.97 -24.46
C LEU A 360 -16.92 31.78 -25.95
N ALA A 361 -17.75 32.65 -26.52
CA ALA A 361 -18.02 32.60 -27.96
C ALA A 361 -16.76 32.77 -28.79
N ARG A 362 -15.87 33.65 -28.36
CA ARG A 362 -14.63 33.89 -29.08
C ARG A 362 -13.68 32.72 -28.95
N TRP A 363 -13.74 32.05 -27.79
CA TRP A 363 -12.92 30.86 -27.54
C TRP A 363 -13.36 29.73 -28.47
N VAL A 364 -14.67 29.57 -28.63
CA VAL A 364 -15.23 28.59 -29.55
C VAL A 364 -14.83 28.88 -31.00
N ARG A 365 -14.97 30.14 -31.41
CA ARG A 365 -14.56 30.53 -32.77
C ARG A 365 -13.07 30.29 -33.01
N PHE A 366 -12.24 30.57 -32.00
CA PHE A 366 -10.80 30.33 -32.11
C PHE A 366 -10.50 28.89 -32.49
N GLY A 367 -11.14 27.96 -31.79
CA GLY A 367 -10.89 26.54 -31.99
C GLY A 367 -11.34 26.07 -33.36
N ARG A 368 -12.35 26.73 -33.89
CA ARG A 368 -12.86 26.38 -35.21
C ARG A 368 -12.02 26.97 -36.35
N GLN A 369 -11.30 28.05 -36.07
CA GLN A 369 -10.55 28.76 -37.11
C GLN A 369 -9.08 28.37 -37.19
N VAL B 24 -22.19 -5.08 -0.93
CA VAL B 24 -21.44 -6.00 -1.78
C VAL B 24 -19.98 -5.57 -1.89
N PRO B 25 -19.06 -6.39 -1.35
CA PRO B 25 -17.63 -6.06 -1.26
C PRO B 25 -17.01 -5.76 -2.62
N SER B 26 -16.00 -4.90 -2.59
CA SER B 26 -15.30 -4.46 -3.79
C SER B 26 -13.94 -4.03 -3.36
N TRP B 27 -13.01 -3.96 -4.29
CA TRP B 27 -11.67 -3.48 -3.97
C TRP B 27 -11.67 -2.03 -3.46
N PRO B 28 -12.46 -1.13 -4.10
CA PRO B 28 -12.42 0.23 -3.55
C PRO B 28 -12.92 0.29 -2.11
N GLN B 29 -13.90 -0.53 -1.77
CA GLN B 29 -14.45 -0.53 -0.43
C GLN B 29 -13.41 -1.01 0.59
N ILE B 30 -12.78 -2.13 0.28
CA ILE B 30 -11.79 -2.70 1.18
C ILE B 30 -10.50 -1.87 1.30
N LEU B 31 -9.98 -1.42 0.16
CA LEU B 31 -8.75 -0.63 0.16
C LEU B 31 -8.99 0.73 0.80
N GLY B 32 -10.18 1.29 0.58
CA GLY B 32 -10.53 2.55 1.20
C GLY B 32 -10.60 2.42 2.71
N ARG B 33 -11.16 1.32 3.19
CA ARG B 33 -11.23 1.09 4.62
C ARG B 33 -9.82 0.98 5.18
N LEU B 34 -8.97 0.21 4.52
CA LEU B 34 -7.63 0.03 5.03
C LEU B 34 -6.82 1.33 5.02
N THR B 35 -6.92 2.11 3.94
CA THR B 35 -6.15 3.35 3.86
C THR B 35 -6.67 4.38 4.86
N ASP B 36 -7.88 4.19 5.36
CA ASP B 36 -8.39 5.03 6.43
C ASP B 36 -7.98 4.51 7.81
N ASN B 37 -7.05 3.55 7.82
CA ASN B 37 -6.56 2.95 9.05
C ASN B 37 -7.65 2.28 9.90
N ARG B 38 -8.60 1.63 9.24
CA ARG B 38 -9.65 0.91 9.96
C ARG B 38 -9.49 -0.59 9.78
N ASP B 39 -9.78 -1.34 10.83
CA ASP B 39 -9.89 -2.80 10.68
C ASP B 39 -11.01 -3.12 9.70
N LEU B 40 -10.86 -4.22 8.97
CA LEU B 40 -11.87 -4.65 8.02
C LEU B 40 -13.08 -5.22 8.76
N ALA B 41 -14.24 -5.22 8.10
CA ALA B 41 -15.41 -5.91 8.65
C ALA B 41 -15.19 -7.41 8.50
N ARG B 42 -15.87 -8.20 9.32
CA ARG B 42 -15.77 -9.66 9.24
CA ARG B 42 -15.80 -9.66 9.23
C ARG B 42 -16.03 -10.10 7.79
N GLY B 43 -15.17 -10.98 7.31
CA GLY B 43 -15.32 -11.56 5.99
C GLY B 43 -14.68 -10.81 4.84
N GLN B 44 -14.27 -9.55 5.05
CA GLN B 44 -13.70 -8.73 3.97
C GLN B 44 -12.32 -9.23 3.57
N ALA B 45 -11.49 -9.50 4.56
CA ALA B 45 -10.20 -10.08 4.26
C ALA B 45 -10.33 -11.41 3.51
N ALA B 46 -11.32 -12.23 3.89
CA ALA B 46 -11.53 -13.50 3.21
C ALA B 46 -11.96 -13.28 1.77
N TRP B 47 -12.83 -12.31 1.55
CA TRP B 47 -13.29 -12.03 0.19
C TRP B 47 -12.10 -11.65 -0.68
N ALA B 48 -11.26 -10.76 -0.14
CA ALA B 48 -10.07 -10.30 -0.86
C ALA B 48 -9.16 -11.47 -1.22
N MET B 49 -8.84 -12.29 -0.22
CA MET B 49 -7.93 -13.41 -0.45
C MET B 49 -8.52 -14.38 -1.46
N ASP B 50 -9.83 -14.61 -1.40
CA ASP B 50 -10.45 -15.51 -2.36
C ASP B 50 -10.41 -14.93 -3.78
N GLN B 51 -10.60 -13.62 -3.92
CA GLN B 51 -10.46 -12.99 -5.23
C GLN B 51 -9.05 -13.22 -5.77
N ILE B 52 -8.05 -13.04 -4.90
CA ILE B 52 -6.67 -13.30 -5.29
C ILE B 52 -6.43 -14.74 -5.73
N MET B 53 -6.87 -15.70 -4.91
CA MET B 53 -6.59 -17.12 -5.14
C MET B 53 -7.36 -17.70 -6.34
N THR B 54 -8.41 -17.00 -6.79
CA THR B 54 -9.18 -17.50 -7.93
C THR B 54 -8.75 -16.82 -9.24
N GLY B 55 -7.69 -16.02 -9.16
CA GLY B 55 -7.16 -15.37 -10.34
C GLY B 55 -7.98 -14.18 -10.83
N ASN B 56 -8.80 -13.63 -9.94
CA ASN B 56 -9.73 -12.55 -10.31
C ASN B 56 -9.26 -11.15 -9.93
N ALA B 57 -8.09 -11.07 -9.30
CA ALA B 57 -7.57 -9.79 -8.84
C ALA B 57 -6.49 -9.28 -9.78
N ARG B 58 -6.53 -8.00 -10.13
CA ARG B 58 -5.44 -7.39 -10.90
C ARG B 58 -4.21 -7.30 -10.02
N PRO B 59 -3.01 -7.40 -10.61
CA PRO B 59 -1.77 -7.28 -9.84
C PRO B 59 -1.75 -6.02 -8.97
N ALA B 60 -2.23 -4.90 -9.49
CA ALA B 60 -2.31 -3.66 -8.73
C ALA B 60 -3.16 -3.80 -7.46
N GLN B 61 -4.26 -4.55 -7.57
CA GLN B 61 -5.14 -4.79 -6.44
C GLN B 61 -4.48 -5.68 -5.38
N ILE B 62 -3.78 -6.71 -5.85
CA ILE B 62 -3.06 -7.61 -4.94
C ILE B 62 -2.02 -6.81 -4.16
N ALA B 63 -1.30 -5.94 -4.86
CA ALA B 63 -0.22 -5.18 -4.24
C ALA B 63 -0.76 -4.13 -3.29
N ALA B 64 -1.83 -3.44 -3.72
CA ALA B 64 -2.46 -2.46 -2.86
C ALA B 64 -2.96 -3.09 -1.57
N PHE B 65 -3.58 -4.26 -1.69
CA PHE B 65 -4.11 -4.95 -0.52
C PHE B 65 -3.00 -5.40 0.43
N ALA B 66 -1.94 -5.97 -0.14
CA ALA B 66 -0.79 -6.42 0.66
C ALA B 66 -0.19 -5.28 1.45
N VAL B 67 0.09 -4.17 0.76
CA VAL B 67 0.71 -3.02 1.40
C VAL B 67 -0.23 -2.36 2.42
N ALA B 68 -1.50 -2.18 2.05
CA ALA B 68 -2.45 -1.49 2.93
C ALA B 68 -2.70 -2.27 4.21
N MET B 69 -2.86 -3.58 4.10
CA MET B 69 -3.04 -4.42 5.27
C MET B 69 -1.83 -4.35 6.20
N THR B 70 -0.64 -4.38 5.60
CA THR B 70 0.61 -4.28 6.36
C THR B 70 0.69 -2.98 7.16
N MET B 71 0.36 -1.86 6.53
CA MET B 71 0.54 -0.58 7.20
C MET B 71 -0.55 -0.24 8.19
N LYS B 72 -1.74 -0.78 7.95
CA LYS B 72 -2.85 -0.59 8.88
C LYS B 72 -2.55 -1.28 10.21
N ALA B 73 -1.85 -2.40 10.13
CA ALA B 73 -1.53 -3.36 11.21
C ALA B 73 -2.59 -4.45 11.26
N PRO B 74 -2.27 -5.63 10.70
CA PRO B 74 -3.29 -6.68 10.58
C PRO B 74 -3.69 -7.24 11.93
N THR B 75 -4.95 -7.61 12.08
CA THR B 75 -5.43 -8.24 13.31
C THR B 75 -5.38 -9.75 13.16
N ALA B 76 -5.46 -10.46 14.27
CA ALA B 76 -5.50 -11.92 14.18
C ALA B 76 -6.73 -12.43 13.41
N ASP B 77 -7.88 -11.77 13.58
CA ASP B 77 -9.08 -12.11 12.81
C ASP B 77 -8.78 -12.03 11.31
N GLU B 78 -8.13 -10.93 10.90
CA GLU B 78 -7.87 -10.68 9.48
C GLU B 78 -6.90 -11.70 8.92
N VAL B 79 -5.80 -11.91 9.64
CA VAL B 79 -4.80 -12.87 9.20
C VAL B 79 -5.37 -14.30 9.19
N GLY B 80 -6.21 -14.60 10.18
CA GLY B 80 -6.86 -15.90 10.22
C GLY B 80 -7.77 -16.08 9.01
N GLU B 81 -8.38 -14.99 8.55
CA GLU B 81 -9.23 -15.09 7.37
C GLU B 81 -8.38 -15.37 6.13
N LEU B 82 -7.23 -14.72 6.00
CA LEU B 82 -6.38 -14.97 4.84
C LEU B 82 -5.92 -16.43 4.82
N ALA B 83 -5.45 -16.91 5.97
CA ALA B 83 -4.95 -18.28 6.05
C ALA B 83 -6.08 -19.28 5.77
N GLY B 84 -7.28 -18.97 6.26
CA GLY B 84 -8.44 -19.82 6.08
C GLY B 84 -8.77 -20.00 4.61
N VAL B 85 -8.70 -18.92 3.84
CA VAL B 85 -8.97 -19.01 2.42
C VAL B 85 -7.91 -19.85 1.71
N MET B 86 -6.65 -19.67 2.08
CA MET B 86 -5.59 -20.52 1.51
C MET B 86 -5.85 -21.99 1.80
N LEU B 87 -6.25 -22.29 3.02
CA LEU B 87 -6.50 -23.68 3.38
C LEU B 87 -7.70 -24.26 2.64
N SER B 88 -8.69 -23.43 2.31
CA SER B 88 -9.84 -23.91 1.55
C SER B 88 -9.42 -24.31 0.13
N HIS B 89 -8.46 -23.59 -0.42
CA HIS B 89 -8.01 -23.84 -1.79
C HIS B 89 -6.84 -24.82 -1.88
N ALA B 90 -6.30 -25.22 -0.74
CA ALA B 90 -5.15 -26.12 -0.72
C ALA B 90 -5.56 -27.56 -1.03
N HIS B 91 -4.64 -28.35 -1.56
CA HIS B 91 -4.84 -29.79 -1.65
C HIS B 91 -4.75 -30.36 -0.25
N PRO B 92 -5.81 -31.07 0.20
CA PRO B 92 -5.78 -31.68 1.53
C PRO B 92 -5.11 -33.05 1.48
N LEU B 93 -4.69 -33.56 2.63
CA LEU B 93 -4.23 -34.94 2.69
C LEU B 93 -5.46 -35.84 2.81
N PRO B 94 -5.34 -37.12 2.39
CA PRO B 94 -6.48 -38.05 2.43
C PRO B 94 -7.07 -38.16 3.82
N ALA B 95 -8.37 -38.44 3.90
CA ALA B 95 -9.05 -38.57 5.20
C ALA B 95 -8.34 -39.55 6.13
N ASP B 96 -8.26 -39.18 7.40
CA ASP B 96 -7.69 -40.04 8.46
C ASP B 96 -6.26 -40.53 8.21
N THR B 97 -5.43 -39.72 7.56
CA THR B 97 -4.03 -40.06 7.35
C THR B 97 -3.06 -39.23 8.21
N VAL B 98 -3.58 -38.23 8.91
CA VAL B 98 -2.75 -37.39 9.75
C VAL B 98 -3.16 -37.57 11.21
N PRO B 99 -2.22 -38.02 12.07
CA PRO B 99 -2.48 -38.24 13.49
C PRO B 99 -2.96 -36.96 14.15
N ASP B 100 -3.84 -37.07 15.14
CA ASP B 100 -4.40 -35.92 15.82
C ASP B 100 -3.33 -35.10 16.54
N ASP B 101 -2.17 -35.73 16.77
CA ASP B 101 -1.08 -35.10 17.50
C ASP B 101 0.12 -34.77 16.61
N ALA B 102 -0.11 -34.69 15.30
CA ALA B 102 0.98 -34.32 14.39
C ALA B 102 1.49 -32.90 14.69
N VAL B 103 2.79 -32.67 14.47
CA VAL B 103 3.39 -31.38 14.79
C VAL B 103 4.09 -30.80 13.55
N ASP B 104 4.14 -29.47 13.46
CA ASP B 104 4.89 -28.78 12.41
C ASP B 104 6.08 -28.10 13.06
N VAL B 105 7.17 -27.92 12.31
CA VAL B 105 8.29 -27.07 12.72
C VAL B 105 8.65 -26.22 11.50
N VAL B 106 8.30 -24.94 11.54
CA VAL B 106 8.48 -24.08 10.37
C VAL B 106 8.40 -22.63 10.79
N GLY B 107 9.07 -21.76 10.04
CA GLY B 107 9.03 -20.35 10.34
C GLY B 107 8.69 -19.53 9.12
N THR B 108 8.51 -18.23 9.34
CA THR B 108 8.21 -17.30 8.25
C THR B 108 9.41 -17.12 7.33
N GLY B 109 10.61 -17.37 7.85
CA GLY B 109 11.81 -16.94 7.17
C GLY B 109 11.90 -15.43 7.25
N GLY B 110 12.81 -14.84 6.48
CA GLY B 110 12.93 -13.39 6.41
C GLY B 110 13.64 -12.75 7.59
N ASP B 111 14.46 -13.51 8.32
CA ASP B 111 15.19 -12.94 9.46
C ASP B 111 16.51 -12.30 9.04
N GLY B 112 16.86 -12.48 7.77
CA GLY B 112 18.01 -11.86 7.17
C GLY B 112 19.35 -12.30 7.75
N VAL B 113 19.36 -13.45 8.43
CA VAL B 113 20.58 -13.91 9.10
C VAL B 113 21.24 -15.06 8.33
N ASN B 114 20.46 -15.74 7.50
CA ASN B 114 20.98 -16.86 6.70
C ASN B 114 21.68 -17.94 7.53
N THR B 115 20.92 -18.59 8.42
CA THR B 115 21.47 -19.62 9.28
C THR B 115 21.51 -20.99 8.60
N VAL B 116 22.02 -21.98 9.30
CA VAL B 116 21.79 -23.36 8.88
C VAL B 116 20.29 -23.63 9.08
N ASN B 117 19.77 -24.68 8.46
CA ASN B 117 18.33 -24.94 8.48
C ASN B 117 17.85 -25.58 9.78
N LEU B 118 17.72 -24.74 10.81
CA LEU B 118 17.36 -25.21 12.13
C LEU B 118 16.01 -25.91 12.20
N SER B 119 14.98 -25.36 11.57
CA SER B 119 13.65 -25.99 11.66
C SER B 119 13.67 -27.38 11.03
N THR B 120 14.31 -27.50 9.88
CA THR B 120 14.36 -28.75 9.13
C THR B 120 15.13 -29.81 9.93
N MET B 121 16.24 -29.40 10.54
CA MET B 121 17.02 -30.33 11.35
C MET B 121 16.23 -30.73 12.59
N ALA B 122 15.68 -29.75 13.29
CA ALA B 122 14.81 -30.02 14.43
C ALA B 122 13.69 -31.00 14.08
N ALA B 123 13.05 -30.80 12.94
CA ALA B 123 11.95 -31.67 12.50
C ALA B 123 12.38 -33.13 12.38
N ILE B 124 13.56 -33.37 11.81
CA ILE B 124 14.06 -34.73 11.66
C ILE B 124 14.27 -35.36 13.04
N VAL B 125 14.82 -34.57 13.96
CA VAL B 125 15.11 -35.06 15.32
C VAL B 125 13.81 -35.34 16.07
N VAL B 126 12.84 -34.46 15.92
CA VAL B 126 11.53 -34.64 16.54
C VAL B 126 10.86 -35.92 16.06
N ALA B 127 10.88 -36.16 14.75
CA ALA B 127 10.25 -37.36 14.20
C ALA B 127 10.96 -38.59 14.75
N ALA B 128 12.27 -38.51 14.87
CA ALA B 128 13.07 -39.63 15.33
C ALA B 128 12.79 -39.96 16.80
N ALA B 129 12.39 -38.95 17.55
CA ALA B 129 11.99 -39.15 18.94
C ALA B 129 10.60 -39.77 19.04
N GLY B 130 9.90 -39.90 17.91
CA GLY B 130 8.61 -40.58 17.90
C GLY B 130 7.39 -39.68 17.81
N VAL B 131 7.61 -38.38 17.67
CA VAL B 131 6.51 -37.44 17.49
C VAL B 131 6.23 -37.35 15.99
N PRO B 132 4.99 -37.59 15.57
CA PRO B 132 4.64 -37.50 14.15
C PRO B 132 4.84 -36.07 13.65
N VAL B 133 5.59 -35.89 12.56
CA VAL B 133 5.85 -34.55 12.02
C VAL B 133 5.31 -34.46 10.62
N VAL B 134 4.42 -33.50 10.37
CA VAL B 134 4.08 -33.18 9.00
C VAL B 134 4.49 -31.72 8.79
N LYS B 135 5.61 -31.54 8.11
CA LYS B 135 6.23 -30.22 8.05
C LYS B 135 5.85 -29.48 6.78
N HIS B 136 5.48 -28.21 6.92
CA HIS B 136 5.28 -27.33 5.77
C HIS B 136 6.64 -26.75 5.46
N GLY B 137 7.01 -26.71 4.19
CA GLY B 137 8.31 -26.17 3.85
C GLY B 137 8.32 -25.51 2.49
N ASN B 138 9.40 -24.79 2.24
CA ASN B 138 9.54 -24.11 0.97
C ASN B 138 11.00 -23.85 0.71
N ARG B 139 11.33 -23.51 -0.53
CA ARG B 139 12.67 -23.06 -0.85
C ARG B 139 12.93 -21.70 -0.20
N ALA B 140 14.17 -21.26 -0.28
CA ALA B 140 14.54 -19.94 0.24
C ALA B 140 13.89 -18.82 -0.56
N ALA B 141 13.60 -17.72 0.12
CA ALA B 141 13.11 -16.52 -0.55
C ALA B 141 14.22 -15.46 -0.56
N SER B 142 14.92 -15.32 0.57
CA SER B 142 15.99 -14.34 0.70
C SER B 142 17.31 -14.93 1.21
N SER B 143 17.27 -16.15 1.73
N SER B 143 17.24 -16.17 1.71
CA SER B 143 18.51 -16.81 2.17
CA SER B 143 18.43 -16.88 2.18
C SER B 143 19.09 -17.67 1.06
C SER B 143 19.09 -17.66 1.05
N LEU B 144 20.29 -18.20 1.30
CA LEU B 144 20.99 -18.99 0.29
C LEU B 144 20.37 -20.37 0.07
N SER B 145 19.92 -21.01 1.15
CA SER B 145 19.30 -22.33 1.05
C SER B 145 18.17 -22.48 2.08
N GLY B 146 16.95 -22.68 1.60
CA GLY B 146 15.81 -22.86 2.49
C GLY B 146 15.69 -24.32 2.90
N GLY B 147 14.70 -24.63 3.73
CA GLY B 147 14.48 -26.00 4.19
C GLY B 147 14.35 -26.99 3.05
N ALA B 148 13.52 -26.65 2.06
CA ALA B 148 13.28 -27.54 0.93
C ALA B 148 14.52 -27.72 0.05
N ASP B 149 15.29 -26.66 -0.13
CA ASP B 149 16.53 -26.72 -0.91
C ASP B 149 17.50 -27.72 -0.26
N THR B 150 17.60 -27.64 1.06
CA THR B 150 18.52 -28.49 1.80
C THR B 150 18.05 -29.95 1.82
N LEU B 151 16.75 -30.17 2.00
CA LEU B 151 16.20 -31.53 1.90
C LEU B 151 16.48 -32.12 0.53
N GLU B 152 16.24 -31.33 -0.51
CA GLU B 152 16.51 -31.76 -1.88
C GLU B 152 17.98 -32.20 -2.03
N ALA B 153 18.89 -31.42 -1.46
CA ALA B 153 20.32 -31.73 -1.56
C ALA B 153 20.66 -33.02 -0.82
N LEU B 154 19.85 -33.34 0.20
CA LEU B 154 20.07 -34.52 1.03
C LEU B 154 19.52 -35.77 0.39
N GLY B 155 18.76 -35.60 -0.69
CA GLY B 155 18.19 -36.73 -1.39
C GLY B 155 16.75 -37.00 -1.05
N VAL B 156 16.18 -36.15 -0.18
CA VAL B 156 14.77 -36.28 0.20
C VAL B 156 13.91 -35.70 -0.91
N ARG B 157 12.82 -36.40 -1.24
CA ARG B 157 11.91 -35.88 -2.24
C ARG B 157 11.00 -34.80 -1.65
N ILE B 158 11.04 -33.63 -2.26
CA ILE B 158 10.19 -32.53 -1.84
C ILE B 158 9.05 -32.30 -2.83
N ASP B 159 8.77 -33.29 -3.66
CA ASP B 159 7.77 -33.11 -4.72
C ASP B 159 6.55 -34.00 -4.54
N LEU B 160 6.38 -34.57 -3.36
CA LEU B 160 5.30 -35.53 -3.14
C LEU B 160 3.92 -34.87 -3.03
N GLY B 161 2.93 -35.48 -3.68
CA GLY B 161 1.55 -35.06 -3.55
C GLY B 161 0.94 -35.61 -2.28
N PRO B 162 -0.34 -35.32 -2.04
CA PRO B 162 -1.03 -35.67 -0.79
C PRO B 162 -0.91 -37.15 -0.40
N ASP B 163 -1.15 -38.06 -1.35
CA ASP B 163 -1.17 -39.49 -1.02
C ASP B 163 0.19 -39.97 -0.54
N LEU B 164 1.23 -39.53 -1.23
CA LEU B 164 2.58 -39.96 -0.91
C LEU B 164 3.11 -39.32 0.38
N VAL B 165 2.67 -38.10 0.67
CA VAL B 165 3.04 -37.46 1.94
C VAL B 165 2.42 -38.23 3.10
N ALA B 166 1.16 -38.61 2.93
CA ALA B 166 0.47 -39.43 3.92
C ALA B 166 1.22 -40.73 4.14
N ARG B 167 1.71 -41.29 3.04
CA ARG B 167 2.41 -42.57 3.10
C ARG B 167 3.78 -42.39 3.75
N SER B 168 4.44 -41.28 3.45
CA SER B 168 5.72 -40.93 4.06
C SER B 168 5.54 -40.84 5.56
N LEU B 169 4.46 -40.16 5.96
CA LEU B 169 4.19 -39.97 7.38
C LEU B 169 4.03 -41.30 8.10
N ALA B 170 3.23 -42.20 7.52
CA ALA B 170 2.98 -43.49 8.17
C ALA B 170 4.22 -44.38 8.17
N GLU B 171 4.96 -44.39 7.05
CA GLU B 171 6.07 -45.34 6.89
C GLU B 171 7.43 -44.86 7.41
N VAL B 172 7.63 -43.55 7.46
CA VAL B 172 8.90 -42.97 7.92
C VAL B 172 8.75 -42.22 9.25
N GLY B 173 7.56 -41.67 9.48
CA GLY B 173 7.30 -40.94 10.71
C GLY B 173 7.33 -39.44 10.49
N ILE B 174 7.62 -39.04 9.26
CA ILE B 174 7.66 -37.62 8.88
C ILE B 174 7.15 -37.46 7.44
N GLY B 175 6.41 -36.38 7.20
CA GLY B 175 5.95 -36.05 5.86
C GLY B 175 6.35 -34.61 5.59
N PHE B 176 6.71 -34.30 4.35
CA PHE B 176 7.06 -32.92 3.98
C PHE B 176 6.08 -32.42 2.93
N CYS B 177 5.32 -31.39 3.28
CA CYS B 177 4.41 -30.75 2.34
C CYS B 177 5.10 -29.55 1.72
N PHE B 178 5.51 -29.69 0.46
CA PHE B 178 6.16 -28.60 -0.25
C PHE B 178 5.09 -27.57 -0.61
N ALA B 179 5.24 -26.35 -0.09
CA ALA B 179 4.15 -25.38 -0.16
C ALA B 179 3.61 -25.10 -1.58
N PRO B 180 4.49 -24.95 -2.59
CA PRO B 180 3.94 -24.72 -3.93
C PRO B 180 3.17 -25.91 -4.50
N ARG B 181 3.50 -27.14 -4.07
CA ARG B 181 2.78 -28.30 -4.54
C ARG B 181 1.37 -28.33 -3.95
N PHE B 182 1.20 -27.83 -2.73
CA PHE B 182 -0.09 -27.94 -2.06
C PHE B 182 -0.94 -26.70 -2.18
N HIS B 183 -0.32 -25.59 -2.56
CA HIS B 183 -1.03 -24.33 -2.70
C HIS B 183 -0.90 -23.75 -4.10
N PRO B 184 -1.33 -24.49 -5.14
CA PRO B 184 -1.11 -23.99 -6.50
C PRO B 184 -1.79 -22.65 -6.78
N SER B 185 -2.92 -22.39 -6.13
CA SER B 185 -3.67 -21.16 -6.36
C SER B 185 -2.99 -19.90 -5.80
N TYR B 186 -1.95 -20.10 -4.98
CA TYR B 186 -1.21 -18.97 -4.43
C TYR B 186 -0.28 -18.36 -5.48
N ARG B 187 -0.17 -19.01 -6.65
CA ARG B 187 0.68 -18.53 -7.72
C ARG B 187 0.26 -17.14 -8.16
N HIS B 188 -1.03 -16.83 -8.04
CA HIS B 188 -1.56 -15.55 -8.53
C HIS B 188 -0.95 -14.37 -7.78
N ALA B 189 -0.44 -14.62 -6.58
CA ALA B 189 0.18 -13.55 -5.79
C ALA B 189 1.71 -13.61 -5.82
N ALA B 190 2.26 -14.64 -6.46
CA ALA B 190 3.71 -14.86 -6.45
C ALA B 190 4.52 -13.74 -7.08
N ALA B 191 4.16 -13.39 -8.31
CA ALA B 191 4.90 -12.33 -9.02
C ALA B 191 4.81 -11.02 -8.25
N VAL B 192 3.61 -10.68 -7.80
CA VAL B 192 3.41 -9.41 -7.09
C VAL B 192 4.32 -9.33 -5.87
N ARG B 193 4.36 -10.38 -5.07
CA ARG B 193 5.18 -10.36 -3.86
C ARG B 193 6.67 -10.20 -4.17
N ARG B 194 7.12 -10.80 -5.27
CA ARG B 194 8.51 -10.64 -5.69
C ARG B 194 8.77 -9.23 -6.20
N GLU B 195 7.81 -8.65 -6.90
CA GLU B 195 7.99 -7.32 -7.49
C GLU B 195 8.04 -6.22 -6.43
N ILE B 196 7.28 -6.42 -5.35
CA ILE B 196 7.27 -5.48 -4.22
C ILE B 196 8.59 -5.61 -3.47
N GLY B 197 9.01 -6.85 -3.25
CA GLY B 197 10.35 -7.12 -2.75
C GLY B 197 10.59 -6.84 -1.29
N VAL B 198 9.54 -6.51 -0.55
CA VAL B 198 9.65 -6.38 0.91
C VAL B 198 8.54 -7.19 1.60
N PRO B 199 8.75 -7.52 2.88
CA PRO B 199 7.74 -8.33 3.58
C PRO B 199 6.42 -7.58 3.74
N THR B 200 5.32 -8.33 3.64
CA THR B 200 3.98 -7.82 3.87
C THR B 200 3.27 -8.80 4.79
N VAL B 201 1.97 -8.57 5.03
CA VAL B 201 1.15 -9.49 5.80
C VAL B 201 1.22 -10.91 5.22
N PHE B 202 1.45 -11.01 3.91
CA PHE B 202 1.51 -12.33 3.29
C PHE B 202 2.66 -13.18 3.83
N ASN B 203 3.68 -12.53 4.39
CA ASN B 203 4.84 -13.22 4.94
C ASN B 203 4.57 -13.86 6.30
N LEU B 204 3.36 -13.69 6.81
CA LEU B 204 2.95 -14.40 8.02
C LEU B 204 2.27 -15.72 7.71
N LEU B 205 1.95 -15.95 6.44
CA LEU B 205 1.01 -17.01 6.09
C LEU B 205 1.59 -18.42 5.98
N GLY B 206 2.89 -18.55 5.69
CA GLY B 206 3.50 -19.86 5.53
C GLY B 206 3.27 -20.83 6.66
N PRO B 207 3.61 -20.41 7.89
CA PRO B 207 3.41 -21.33 9.00
C PRO B 207 1.95 -21.54 9.38
N LEU B 208 1.05 -20.74 8.82
CA LEU B 208 -0.36 -20.77 9.19
C LEU B 208 -1.18 -21.58 8.20
N THR B 209 -0.52 -22.10 7.16
CA THR B 209 -1.26 -22.74 6.07
C THR B 209 -0.76 -24.15 5.73
N ASN B 210 -0.27 -24.86 6.72
CA ASN B 210 0.12 -26.24 6.51
C ASN B 210 -1.13 -27.02 6.10
N PRO B 211 -1.14 -27.61 4.89
CA PRO B 211 -2.35 -28.25 4.35
C PRO B 211 -2.80 -29.49 5.12
N ALA B 212 -1.92 -30.07 5.93
CA ALA B 212 -2.29 -31.23 6.74
C ALA B 212 -2.98 -30.79 8.01
N ARG B 213 -2.98 -29.48 8.26
CA ARG B 213 -3.61 -28.89 9.44
C ARG B 213 -3.23 -29.52 10.79
N PRO B 214 -1.93 -29.63 11.07
CA PRO B 214 -1.51 -30.15 12.37
C PRO B 214 -2.00 -29.23 13.49
N ARG B 215 -2.25 -29.81 14.67
CA ARG B 215 -2.77 -29.03 15.81
C ARG B 215 -1.67 -28.53 16.74
N ALA B 216 -0.42 -28.88 16.45
CA ALA B 216 0.68 -28.47 17.30
C ALA B 216 1.83 -28.00 16.43
N GLY B 217 2.69 -27.14 16.97
CA GLY B 217 3.82 -26.66 16.19
C GLY B 217 4.80 -25.79 16.95
N LEU B 218 6.04 -25.81 16.48
CA LEU B 218 7.04 -24.83 16.90
C LEU B 218 7.19 -23.89 15.72
N ILE B 219 6.74 -22.66 15.91
CA ILE B 219 6.53 -21.76 14.79
C ILE B 219 7.40 -20.52 14.90
N GLY B 220 8.30 -20.34 13.94
CA GLY B 220 9.20 -19.19 13.97
C GLY B 220 8.59 -17.97 13.31
N CYS B 221 8.81 -16.80 13.91
CA CYS B 221 8.35 -15.55 13.31
C CYS B 221 9.46 -14.51 13.34
N ALA B 222 9.90 -14.09 12.17
CA ALA B 222 10.98 -13.09 12.04
C ALA B 222 10.55 -11.70 12.46
N PHE B 223 9.24 -11.45 12.45
CA PHE B 223 8.74 -10.10 12.65
C PHE B 223 8.20 -9.97 14.07
N ALA B 224 8.99 -9.38 14.95
CA ALA B 224 8.70 -9.37 16.38
C ALA B 224 7.34 -8.79 16.73
N ASP B 225 6.96 -7.72 16.05
CA ASP B 225 5.71 -7.05 16.39
C ASP B 225 4.48 -7.72 15.78
N LEU B 226 4.68 -8.80 15.03
CA LEU B 226 3.53 -9.52 14.45
C LEU B 226 3.42 -10.94 14.97
N ALA B 227 4.38 -11.35 15.80
CA ALA B 227 4.34 -12.70 16.33
C ALA B 227 3.09 -12.93 17.18
N GLU B 228 2.63 -11.90 17.88
CA GLU B 228 1.44 -12.02 18.70
C GLU B 228 0.20 -12.24 17.83
N VAL B 229 0.22 -11.65 16.64
CA VAL B 229 -0.89 -11.82 15.69
C VAL B 229 -0.91 -13.26 15.19
N MET B 230 0.24 -13.79 14.82
CA MET B 230 0.32 -15.21 14.42
C MET B 230 -0.16 -16.09 15.56
N ALA B 231 0.27 -15.78 16.79
CA ALA B 231 -0.15 -16.57 17.94
C ALA B 231 -1.67 -16.53 18.07
N GLY B 232 -2.27 -15.37 17.83
CA GLY B 232 -3.73 -15.26 17.91
C GLY B 232 -4.47 -16.14 16.91
N VAL B 233 -3.90 -16.31 15.72
CA VAL B 233 -4.52 -17.16 14.72
C VAL B 233 -4.50 -18.60 15.20
N PHE B 234 -3.38 -19.02 15.77
CA PHE B 234 -3.27 -20.36 16.30
C PHE B 234 -4.19 -20.54 17.51
N ALA B 235 -4.36 -19.50 18.31
CA ALA B 235 -5.25 -19.60 19.46
C ALA B 235 -6.69 -19.83 18.99
N ALA B 236 -7.10 -19.12 17.93
CA ALA B 236 -8.45 -19.27 17.40
C ALA B 236 -8.74 -20.70 16.99
N ARG B 237 -7.72 -21.39 16.49
CA ARG B 237 -7.84 -22.79 16.07
C ARG B 237 -7.66 -23.76 17.22
N ARG B 238 -7.37 -23.24 18.41
CA ARG B 238 -7.04 -24.06 19.57
C ARG B 238 -5.89 -25.04 19.32
N SER B 239 -4.84 -24.53 18.71
CA SER B 239 -3.62 -25.30 18.48
C SER B 239 -2.78 -25.24 19.74
N SER B 240 -1.89 -26.21 19.90
CA SER B 240 -0.86 -26.09 20.93
C SER B 240 0.43 -25.69 20.24
N VAL B 241 0.76 -24.40 20.31
CA VAL B 241 1.86 -23.87 19.54
C VAL B 241 2.75 -22.98 20.39
N LEU B 242 4.05 -23.05 20.14
CA LEU B 242 4.97 -22.03 20.61
C LEU B 242 5.37 -21.20 19.41
N VAL B 243 4.94 -19.93 19.39
CA VAL B 243 5.41 -19.00 18.36
C VAL B 243 6.68 -18.34 18.88
N VAL B 244 7.78 -18.46 18.14
CA VAL B 244 9.07 -18.04 18.69
C VAL B 244 9.83 -16.98 17.90
N HIS B 245 10.41 -16.04 18.63
CA HIS B 245 11.28 -15.02 18.05
C HIS B 245 12.51 -14.84 18.93
N GLY B 246 13.68 -15.15 18.39
CA GLY B 246 14.92 -15.00 19.12
C GLY B 246 15.21 -13.53 19.27
N ASP B 247 15.68 -13.11 20.45
CA ASP B 247 15.89 -11.68 20.68
C ASP B 247 17.12 -11.15 19.93
N ASP B 248 17.76 -12.02 19.16
CA ASP B 248 18.80 -11.63 18.23
C ASP B 248 18.23 -11.52 16.82
N GLY B 249 16.92 -11.78 16.67
CA GLY B 249 16.28 -11.66 15.39
C GLY B 249 15.91 -12.95 14.68
N LEU B 250 16.37 -14.08 15.21
CA LEU B 250 16.11 -15.35 14.54
C LEU B 250 14.63 -15.72 14.54
N ASP B 251 14.16 -16.34 13.46
CA ASP B 251 12.82 -16.92 13.46
C ASP B 251 12.89 -18.37 13.99
N GLU B 252 13.62 -18.53 15.09
CA GLU B 252 13.86 -19.82 15.75
C GLU B 252 14.12 -19.55 17.23
N LEU B 253 14.11 -20.60 18.05
CA LEU B 253 14.65 -20.45 19.41
C LEU B 253 16.15 -20.31 19.27
N THR B 254 16.70 -19.26 19.87
CA THR B 254 18.12 -18.98 19.68
C THR B 254 18.95 -19.47 20.86
N THR B 255 20.25 -19.58 20.65
CA THR B 255 21.17 -19.96 21.71
C THR B 255 22.08 -18.78 22.07
N THR B 256 22.00 -17.71 21.28
CA THR B 256 22.91 -16.57 21.45
C THR B 256 22.44 -15.61 22.55
N THR B 257 21.16 -15.69 22.88
CA THR B 257 20.54 -14.83 23.89
C THR B 257 19.15 -15.36 24.23
N THR B 258 18.31 -14.53 24.84
CA THR B 258 16.95 -14.94 25.16
C THR B 258 16.09 -15.03 23.88
N SER B 259 14.94 -15.68 24.00
CA SER B 259 13.93 -15.69 22.95
C SER B 259 12.62 -15.25 23.55
N THR B 260 11.79 -14.60 22.75
CA THR B 260 10.44 -14.33 23.17
C THR B 260 9.57 -15.48 22.67
N ILE B 261 8.71 -15.99 23.55
CA ILE B 261 7.78 -17.05 23.18
C ILE B 261 6.35 -16.61 23.43
N TRP B 262 5.51 -16.73 22.40
CA TRP B 262 4.09 -16.56 22.59
C TRP B 262 3.52 -17.96 22.67
N ARG B 263 3.15 -18.36 23.88
CA ARG B 263 2.70 -19.72 24.15
C ARG B 263 1.20 -19.82 23.96
N VAL B 264 0.79 -20.68 23.05
CA VAL B 264 -0.62 -20.83 22.72
C VAL B 264 -1.12 -22.14 23.31
N ALA B 265 -2.10 -22.02 24.21
CA ALA B 265 -2.67 -23.16 24.91
C ALA B 265 -4.07 -22.84 25.39
N ALA B 266 -4.98 -23.80 25.26
CA ALA B 266 -6.38 -23.61 25.67
C ALA B 266 -7.03 -22.37 25.06
N GLY B 267 -6.70 -22.06 23.81
CA GLY B 267 -7.35 -20.96 23.11
C GLY B 267 -6.85 -19.59 23.55
N SER B 268 -5.79 -19.59 24.34
CA SER B 268 -5.27 -18.36 24.92
C SER B 268 -3.77 -18.20 24.64
N VAL B 269 -3.30 -16.95 24.70
CA VAL B 269 -1.89 -16.66 24.43
C VAL B 269 -1.23 -16.00 25.65
N ASP B 270 -0.04 -16.48 26.01
CA ASP B 270 0.76 -15.89 27.08
C ASP B 270 2.16 -15.60 26.55
N LYS B 271 2.65 -14.39 26.80
CA LYS B 271 3.97 -14.00 26.28
C LYS B 271 5.06 -14.23 27.33
N LEU B 272 6.10 -14.98 26.95
CA LEU B 272 7.16 -15.36 27.88
C LEU B 272 8.53 -14.96 27.38
N THR B 273 9.44 -14.67 28.30
CA THR B 273 10.85 -14.57 27.95
C THR B 273 11.52 -15.89 28.32
N PHE B 274 12.22 -16.48 27.37
CA PHE B 274 12.82 -17.80 27.54
C PHE B 274 14.35 -17.70 27.49
N ASP B 275 15.02 -18.31 28.47
CA ASP B 275 16.47 -18.30 28.51
C ASP B 275 17.00 -19.74 28.58
N PRO B 276 17.74 -20.16 27.54
CA PRO B 276 18.22 -21.53 27.44
C PRO B 276 19.30 -21.85 28.48
N ALA B 277 19.83 -20.82 29.14
CA ALA B 277 20.87 -21.02 30.15
C ALA B 277 20.33 -21.75 31.37
N GLY B 278 19.03 -21.56 31.64
CA GLY B 278 18.37 -22.28 32.72
C GLY B 278 18.38 -23.78 32.54
N PHE B 279 18.60 -24.23 31.31
CA PHE B 279 18.75 -25.66 31.02
C PHE B 279 20.20 -25.97 30.69
N GLY B 280 21.08 -25.02 30.98
CA GLY B 280 22.52 -25.26 30.94
C GLY B 280 23.21 -25.00 29.62
N PHE B 281 22.54 -24.32 28.71
CA PHE B 281 23.14 -24.03 27.40
C PHE B 281 24.21 -22.96 27.48
N ALA B 282 25.27 -23.13 26.70
CA ALA B 282 26.31 -22.13 26.60
C ALA B 282 25.87 -21.05 25.61
N ARG B 283 26.02 -19.79 26.00
CA ARG B 283 25.76 -18.68 25.08
C ARG B 283 26.61 -18.83 23.83
N ALA B 284 25.99 -18.65 22.67
CA ALA B 284 26.69 -18.82 21.39
C ALA B 284 26.75 -17.49 20.65
N GLN B 285 27.47 -17.48 19.53
CA GLN B 285 27.51 -16.31 18.65
C GLN B 285 26.84 -16.64 17.33
N LEU B 286 26.17 -15.67 16.72
CA LEU B 286 25.39 -15.89 15.50
C LEU B 286 26.23 -16.40 14.34
N ASP B 287 27.50 -16.02 14.30
CA ASP B 287 28.41 -16.51 13.27
C ASP B 287 28.57 -18.03 13.35
N GLN B 288 28.41 -18.59 14.54
CA GLN B 288 28.53 -20.03 14.73
C GLN B 288 27.33 -20.78 14.17
N LEU B 289 26.22 -20.09 13.98
CA LEU B 289 25.02 -20.71 13.42
C LEU B 289 24.85 -20.40 11.93
N ALA B 290 25.89 -19.81 11.32
CA ALA B 290 25.78 -19.34 9.94
C ALA B 290 25.75 -20.45 8.89
N GLY B 291 25.02 -20.22 7.81
CA GLY B 291 24.86 -21.22 6.77
C GLY B 291 25.58 -20.89 5.48
N GLY B 292 25.33 -21.70 4.45
CA GLY B 292 25.90 -21.48 3.14
C GLY B 292 24.91 -21.93 2.09
N ASP B 293 25.40 -22.47 0.98
CA ASP B 293 24.52 -22.98 -0.07
C ASP B 293 23.91 -24.32 0.34
N ALA B 294 23.16 -24.93 -0.56
CA ALA B 294 22.43 -26.16 -0.24
C ALA B 294 23.37 -27.29 0.17
N GLN B 295 24.46 -27.46 -0.59
CA GLN B 295 25.43 -28.51 -0.28
C GLN B 295 26.10 -28.28 1.07
N ALA B 296 26.39 -27.03 1.40
CA ALA B 296 26.98 -26.70 2.69
C ALA B 296 26.00 -27.01 3.81
N ASN B 297 24.77 -26.53 3.66
CA ASN B 297 23.75 -26.78 4.68
C ASN B 297 23.42 -28.26 4.83
N ALA B 298 23.39 -29.00 3.72
CA ALA B 298 23.19 -30.44 3.79
C ALA B 298 24.31 -31.10 4.60
N ALA B 299 25.55 -30.69 4.33
CA ALA B 299 26.69 -31.19 5.10
C ALA B 299 26.52 -30.92 6.59
N ALA B 300 25.94 -29.77 6.92
CA ALA B 300 25.74 -29.42 8.32
C ALA B 300 24.70 -30.32 8.98
N VAL B 301 23.69 -30.70 8.21
CA VAL B 301 22.69 -31.64 8.71
C VAL B 301 23.36 -32.98 9.02
N ARG B 302 24.13 -33.48 8.05
CA ARG B 302 24.80 -34.77 8.19
C ARG B 302 25.75 -34.80 9.38
N ALA B 303 26.41 -33.68 9.63
CA ALA B 303 27.32 -33.56 10.76
C ALA B 303 26.59 -33.65 12.10
N VAL B 304 25.50 -32.89 12.24
CA VAL B 304 24.72 -32.90 13.47
C VAL B 304 24.09 -34.27 13.73
N LEU B 305 23.55 -34.87 12.69
CA LEU B 305 22.91 -36.18 12.85
C LEU B 305 23.96 -37.24 13.14
N GLY B 306 25.18 -37.03 12.67
CA GLY B 306 26.29 -37.94 12.92
C GLY B 306 26.92 -37.77 14.30
N GLY B 307 26.39 -36.85 15.10
CA GLY B 307 26.83 -36.71 16.49
C GLY B 307 27.81 -35.58 16.79
N ALA B 308 28.12 -34.75 15.80
CA ALA B 308 29.04 -33.64 16.01
C ALA B 308 28.51 -32.70 17.09
N ARG B 309 29.36 -32.41 18.07
CA ARG B 309 29.00 -31.49 19.15
C ARG B 309 29.38 -30.07 18.76
N GLY B 310 28.75 -29.09 19.40
CA GLY B 310 28.99 -27.70 19.07
C GLY B 310 27.71 -26.90 18.98
N PRO B 311 27.83 -25.62 18.58
CA PRO B 311 26.71 -24.66 18.57
C PRO B 311 25.51 -25.11 17.73
N VAL B 312 25.74 -25.70 16.56
CA VAL B 312 24.63 -26.08 15.69
C VAL B 312 23.77 -27.16 16.35
N ARG B 313 24.42 -28.20 16.85
CA ARG B 313 23.71 -29.25 17.59
C ARG B 313 22.88 -28.66 18.73
N ASP B 314 23.49 -27.78 19.52
CA ASP B 314 22.81 -27.14 20.64
C ASP B 314 21.52 -26.44 20.20
N ALA B 315 21.60 -25.69 19.10
CA ALA B 315 20.42 -24.99 18.59
C ALA B 315 19.38 -25.96 18.03
N VAL B 316 19.84 -27.03 17.38
CA VAL B 316 18.92 -28.06 16.88
C VAL B 316 18.20 -28.75 18.04
N VAL B 317 18.95 -29.12 19.06
CA VAL B 317 18.39 -29.77 20.24
C VAL B 317 17.40 -28.86 20.94
N LEU B 318 17.74 -27.58 21.07
CA LEU B 318 16.86 -26.62 21.72
C LEU B 318 15.53 -26.52 20.97
N ASN B 319 15.62 -26.40 19.65
CA ASN B 319 14.40 -26.29 18.84
C ASN B 319 13.60 -27.58 18.77
N ALA B 320 14.27 -28.72 18.73
CA ALA B 320 13.55 -30.00 18.75
C ALA B 320 12.76 -30.10 20.04
N ALA B 321 13.39 -29.76 21.15
CA ALA B 321 12.73 -29.81 22.45
C ALA B 321 11.51 -28.90 22.47
N GLY B 322 11.64 -27.72 21.86
CA GLY B 322 10.50 -26.81 21.80
C GLY B 322 9.33 -27.42 21.05
N ALA B 323 9.61 -28.12 19.96
CA ALA B 323 8.53 -28.79 19.24
C ALA B 323 7.91 -29.92 20.08
N ILE B 324 8.74 -30.63 20.84
CA ILE B 324 8.24 -31.67 21.73
C ILE B 324 7.37 -31.07 22.84
N VAL B 325 7.77 -29.91 23.34
CA VAL B 325 6.96 -29.20 24.32
C VAL B 325 5.60 -28.79 23.76
N ALA B 326 5.58 -28.27 22.52
CA ALA B 326 4.30 -27.92 21.90
C ALA B 326 3.44 -29.18 21.75
N HIS B 327 4.08 -30.27 21.37
CA HIS B 327 3.35 -31.53 21.22
C HIS B 327 2.76 -31.97 22.57
N ALA B 328 3.53 -31.83 23.63
CA ALA B 328 3.08 -32.21 24.97
C ALA B 328 1.86 -31.38 25.38
N GLY B 329 1.86 -30.13 24.96
CA GLY B 329 0.81 -29.19 25.32
C GLY B 329 -0.57 -29.58 24.81
N LEU B 330 -0.63 -30.55 23.89
CA LEU B 330 -1.92 -31.01 23.39
C LEU B 330 -2.76 -31.62 24.52
N SER B 331 -2.11 -32.02 25.61
CA SER B 331 -2.84 -32.36 26.83
C SER B 331 -2.71 -31.25 27.89
N SER B 332 -3.83 -30.85 28.47
CA SER B 332 -3.84 -29.73 29.42
C SER B 332 -3.12 -30.06 30.73
N ARG B 333 -2.79 -31.33 30.94
CA ARG B 333 -2.11 -31.78 32.15
C ARG B 333 -0.59 -31.68 32.06
N ALA B 334 -0.08 -31.15 30.95
CA ALA B 334 1.36 -30.98 30.78
C ALA B 334 1.86 -29.74 31.52
N GLU B 335 3.08 -29.82 32.05
CA GLU B 335 3.65 -28.74 32.85
C GLU B 335 4.94 -28.19 32.23
N TRP B 336 5.13 -26.88 32.29
CA TRP B 336 6.16 -26.17 31.53
C TRP B 336 7.61 -26.69 31.65
N LEU B 337 8.21 -26.54 32.83
CA LEU B 337 9.61 -26.91 33.01
C LEU B 337 9.92 -28.41 32.83
N PRO B 338 9.10 -29.29 33.42
CA PRO B 338 9.28 -30.72 33.14
C PRO B 338 9.14 -31.05 31.65
N ALA B 339 8.23 -30.37 30.96
CA ALA B 339 8.07 -30.59 29.52
C ALA B 339 9.37 -30.32 28.79
N TRP B 340 10.02 -29.20 29.11
CA TRP B 340 11.29 -28.86 28.49
C TRP B 340 12.38 -29.85 28.80
N GLU B 341 12.49 -30.27 30.06
CA GLU B 341 13.51 -31.24 30.43
C GLU B 341 13.32 -32.53 29.65
N GLU B 342 12.07 -32.98 29.56
CA GLU B 342 11.78 -34.20 28.81
C GLU B 342 12.06 -33.99 27.34
N GLY B 343 11.67 -32.84 26.81
CA GLY B 343 11.93 -32.53 25.41
C GLY B 343 13.41 -32.55 25.11
N LEU B 344 14.20 -31.98 26.03
CA LEU B 344 15.65 -31.92 25.82
C LEU B 344 16.26 -33.33 25.88
N ARG B 345 15.80 -34.11 26.85
N ARG B 345 15.82 -34.11 26.85
CA ARG B 345 16.26 -35.49 27.01
CA ARG B 345 16.30 -35.49 26.98
C ARG B 345 15.98 -36.30 25.74
C ARG B 345 15.99 -36.29 25.72
N ARG B 346 14.74 -36.23 25.27
CA ARG B 346 14.32 -36.99 24.10
C ARG B 346 15.02 -36.56 22.83
N ALA B 347 15.23 -35.25 22.67
CA ALA B 347 15.89 -34.73 21.48
C ALA B 347 17.35 -35.18 21.42
N SER B 348 18.04 -35.04 22.54
CA SER B 348 19.44 -35.45 22.62
C SER B 348 19.59 -36.96 22.39
N ALA B 349 18.70 -37.75 22.99
CA ALA B 349 18.76 -39.20 22.83
C ALA B 349 18.48 -39.59 21.38
N ALA B 350 17.56 -38.89 20.72
CA ALA B 350 17.25 -39.21 19.34
C ALA B 350 18.48 -39.08 18.45
N ILE B 351 19.34 -38.14 18.75
CA ILE B 351 20.57 -37.99 17.97
C ILE B 351 21.59 -39.05 18.39
N ASP B 352 21.85 -39.12 19.68
CA ASP B 352 22.92 -39.98 20.22
C ASP B 352 22.74 -41.47 19.92
N THR B 353 21.49 -41.94 19.83
CA THR B 353 21.27 -43.37 19.54
C THR B 353 21.41 -43.65 18.07
N GLY B 354 21.54 -42.59 17.28
CA GLY B 354 21.57 -42.74 15.84
C GLY B 354 20.19 -42.79 15.22
N ALA B 355 19.14 -42.68 16.03
CA ALA B 355 17.78 -42.74 15.51
C ALA B 355 17.53 -41.64 14.47
N ALA B 356 18.03 -40.45 14.74
CA ALA B 356 17.81 -39.31 13.83
C ALA B 356 18.51 -39.52 12.49
N GLU B 357 19.76 -39.99 12.55
CA GLU B 357 20.50 -40.31 11.34
C GLU B 357 19.84 -41.41 10.51
N GLN B 358 19.37 -42.46 11.18
CA GLN B 358 18.73 -43.57 10.49
C GLN B 358 17.42 -43.15 9.84
N LEU B 359 16.69 -42.25 10.51
CA LEU B 359 15.39 -41.82 9.98
C LEU B 359 15.59 -41.07 8.67
N LEU B 360 16.61 -40.22 8.64
CA LEU B 360 16.92 -39.49 7.41
C LEU B 360 17.29 -40.46 6.29
N ALA B 361 18.11 -41.45 6.61
CA ALA B 361 18.46 -42.49 5.65
C ALA B 361 17.21 -43.22 5.17
N ARG B 362 16.30 -43.52 6.11
CA ARG B 362 15.08 -44.22 5.75
C ARG B 362 14.17 -43.35 4.91
N TRP B 363 14.19 -42.05 5.19
CA TRP B 363 13.35 -41.09 4.46
C TRP B 363 13.83 -40.98 3.01
N VAL B 364 15.14 -40.89 2.83
CA VAL B 364 15.74 -40.87 1.50
C VAL B 364 15.37 -42.12 0.71
N ARG B 365 15.51 -43.26 1.37
CA ARG B 365 15.19 -44.56 0.76
C ARG B 365 13.72 -44.65 0.34
N PHE B 366 12.84 -44.17 1.21
CA PHE B 366 11.40 -44.16 0.93
C PHE B 366 11.10 -43.48 -0.39
N GLY B 367 11.78 -42.37 -0.63
CA GLY B 367 11.52 -41.57 -1.82
C GLY B 367 11.96 -42.24 -3.11
N ARG B 368 13.03 -43.02 -3.01
CA ARG B 368 13.54 -43.74 -4.18
C ARG B 368 12.72 -45.00 -4.47
N GLN B 369 11.88 -45.37 -3.48
CA GLN B 369 11.00 -46.55 -3.54
C GLN B 369 11.77 -47.84 -3.35
#